data_8SX2
#
_entry.id   8SX2
#
_cell.length_a   61.905
_cell.length_b   72.265
_cell.length_c   160.978
_cell.angle_alpha   90.00
_cell.angle_beta   90.00
_cell.angle_gamma   90.00
#
_symmetry.space_group_name_H-M   'P 21 21 21'
#
loop_
_entity.id
_entity.type
_entity.pdbx_description
1 polymer 'Protein mono-ADP-ribosyltransferase PARP4'
2 non-polymer 2-[4-[(2S,3S,4R,5R)-5-(6-aminopurin-9-yl)-3,4-bis(oxidanyl)oxolan-2-yl]carbonylpiperazin-1-yl]-N-(1-oxidanylidene-2,3-dihydroisoindol-4-yl)ethanamide
3 water water
#
_entity_poly.entity_id   1
_entity_poly.type   'polypeptide(L)'
_entity_poly.pdbx_seq_one_letter_code
;SSEQLQALLLEEVMNSSTLSQEVSDLVEMIWAEALGHLEHMLLKPVNRISLNDVSKAEGILLLVKAALKNGETAEQLQKM
MTEFYRLIPHKGTMPKEVNLGLLAKKADLCQLIRDMVNVCETNLSKPNPPSLAKYRALRCKIEHVEQNTEEFLRVRKEVL
QNHHSKSPVDVLQIFRVGRVNETTEFLSKLGNVRPLLHGSPVQNIVGILCRGLLLPKVVEDRGVQRTDVGNLGSGIYFSD
SLSTSIKYSHPGETDGTRLLLICDVALGKCMDLHEKDFSLTEAPPGYDSVHGVSQTASVTTDFEDDEFVVYKTNQVKMKY
IIKFSMPGDQIKD
;
_entity_poly.pdbx_strand_id   A,B
#
loop_
_chem_comp.id
_chem_comp.type
_chem_comp.name
_chem_comp.formula
UHB non-polymer 2-[4-[(2S,3S,4R,5R)-5-(6-aminopurin-9-yl)-3,4-bis(oxidanyl)oxolan-2-yl]carbonylpiperazin-1-yl]-N-(1-oxidanylidene-2,3-dihydroisoindol-4-yl)ethanamide 'C24 H27 N9 O6'
#
# COMPACT_ATOMS: atom_id res chain seq x y z
N SER A 2 9.49 -41.73 -40.23
CA SER A 2 8.33 -42.47 -39.76
C SER A 2 7.65 -41.70 -38.64
N GLU A 3 6.52 -42.25 -38.17
CA GLU A 3 5.82 -41.73 -36.99
C GLU A 3 6.78 -41.70 -35.81
N GLN A 4 7.58 -42.76 -35.65
CA GLN A 4 8.42 -42.95 -34.47
C GLN A 4 9.61 -41.98 -34.51
N LEU A 5 10.21 -41.79 -35.69
CA LEU A 5 11.33 -40.90 -35.83
C LEU A 5 10.91 -39.47 -35.49
N GLN A 6 9.81 -39.01 -36.10
CA GLN A 6 9.31 -37.66 -35.86
C GLN A 6 8.90 -37.50 -34.40
N ALA A 7 8.54 -38.60 -33.74
CA ALA A 7 8.26 -38.60 -32.31
C ALA A 7 9.54 -38.37 -31.51
N LEU A 8 10.63 -39.04 -31.92
CA LEU A 8 11.91 -38.92 -31.24
C LEU A 8 12.51 -37.54 -31.44
N LEU A 9 12.33 -36.98 -32.65
CA LEU A 9 12.88 -35.67 -32.98
C LEU A 9 12.17 -34.59 -32.16
N LEU A 10 10.85 -34.72 -31.99
CA LEU A 10 10.09 -33.83 -31.13
C LEU A 10 10.49 -34.05 -29.67
N GLU A 11 10.66 -35.33 -29.29
CA GLU A 11 11.05 -35.70 -27.94
C GLU A 11 12.37 -35.02 -27.58
N GLU A 12 13.30 -34.95 -28.54
CA GLU A 12 14.59 -34.29 -28.34
C GLU A 12 14.38 -32.80 -28.07
N VAL A 13 13.47 -32.18 -28.82
CA VAL A 13 13.21 -30.75 -28.72
C VAL A 13 12.51 -30.44 -27.39
N MET A 14 11.42 -31.16 -27.11
CA MET A 14 10.61 -30.92 -25.92
C MET A 14 11.45 -31.16 -24.67
N ASN A 15 12.28 -32.22 -24.69
CA ASN A 15 13.16 -32.55 -23.57
C ASN A 15 14.53 -31.93 -23.83
N SER A 16 14.61 -30.60 -23.64
CA SER A 16 15.87 -29.88 -23.74
C SER A 16 15.77 -28.53 -23.04
N SER A 17 16.69 -28.31 -22.08
CA SER A 17 16.84 -27.03 -21.41
C SER A 17 18.21 -26.98 -20.75
N THR A 18 19.20 -26.45 -21.49
CA THR A 18 20.55 -26.28 -20.99
C THR A 18 20.59 -25.03 -20.11
N LEU A 19 19.96 -25.14 -18.94
CA LEU A 19 19.94 -24.06 -17.96
C LEU A 19 21.29 -23.98 -17.27
N SER A 20 21.62 -22.77 -16.80
CA SER A 20 22.98 -22.38 -16.47
C SER A 20 23.62 -23.32 -15.45
N GLN A 21 24.96 -23.30 -15.43
CA GLN A 21 25.75 -24.05 -14.46
C GLN A 21 25.44 -23.55 -13.06
N GLU A 22 25.38 -22.21 -12.91
CA GLU A 22 25.19 -21.58 -11.62
C GLU A 22 23.90 -22.08 -10.98
N VAL A 23 22.82 -22.12 -11.79
CA VAL A 23 21.51 -22.56 -11.33
C VAL A 23 21.54 -24.06 -11.05
N SER A 24 22.23 -24.81 -11.93
CA SER A 24 22.33 -26.25 -11.78
C SER A 24 23.10 -26.59 -10.49
N ASP A 25 24.22 -25.91 -10.28
CA ASP A 25 25.08 -26.16 -9.12
C ASP A 25 24.32 -25.82 -7.83
N LEU A 26 23.51 -24.76 -7.88
CA LEU A 26 22.69 -24.35 -6.75
C LEU A 26 21.71 -25.46 -6.40
N VAL A 27 21.03 -25.99 -7.43
CA VAL A 27 20.03 -27.04 -7.26
C VAL A 27 20.71 -28.29 -6.69
N GLU A 28 21.87 -28.66 -7.25
CA GLU A 28 22.57 -29.86 -6.82
C GLU A 28 23.01 -29.74 -5.36
N MET A 29 23.38 -28.51 -4.94
CA MET A 29 23.88 -28.30 -3.58
C MET A 29 22.76 -28.44 -2.56
N ILE A 30 21.70 -27.64 -2.73
CA ILE A 30 20.64 -27.53 -1.74
C ILE A 30 19.98 -28.90 -1.53
N TRP A 31 19.89 -29.70 -2.61
CA TRP A 31 19.36 -31.05 -2.52
C TRP A 31 20.35 -31.98 -1.83
N ALA A 32 21.64 -31.81 -2.12
CA ALA A 32 22.69 -32.59 -1.49
C ALA A 32 22.78 -32.27 -0.01
N GLU A 33 22.68 -30.98 0.32
CA GLU A 33 22.73 -30.51 1.70
C GLU A 33 21.53 -31.04 2.47
N ALA A 34 20.35 -31.05 1.82
CA ALA A 34 19.13 -31.54 2.41
C ALA A 34 19.21 -33.04 2.67
N LEU A 35 19.74 -33.78 1.68
CA LEU A 35 19.95 -35.22 1.80
C LEU A 35 20.99 -35.50 2.88
N GLY A 36 21.97 -34.61 3.01
CA GLY A 36 23.00 -34.72 4.03
C GLY A 36 22.43 -34.65 5.45
N HIS A 37 21.33 -33.92 5.61
CA HIS A 37 20.66 -33.80 6.90
C HIS A 37 19.95 -35.10 7.25
N LEU A 38 19.31 -35.73 6.24
CA LEU A 38 18.56 -36.96 6.45
C LEU A 38 19.51 -38.11 6.77
N GLU A 39 20.57 -38.25 5.96
CA GLU A 39 21.53 -39.32 6.12
C GLU A 39 22.21 -39.27 7.49
N HIS A 40 22.22 -38.08 8.11
CA HIS A 40 22.82 -37.90 9.42
C HIS A 40 22.04 -38.64 10.50
N MET A 41 20.72 -38.81 10.31
CA MET A 41 19.88 -39.45 11.32
C MET A 41 18.83 -40.34 10.65
N LEU A 42 19.30 -41.29 9.83
CA LEU A 42 18.46 -42.32 9.24
C LEU A 42 19.30 -43.58 9.01
N LEU A 43 18.96 -44.66 9.72
CA LEU A 43 19.62 -45.95 9.51
C LEU A 43 19.32 -46.44 8.10
N LYS A 44 18.02 -46.48 7.76
CA LYS A 44 17.57 -46.91 6.45
C LYS A 44 17.82 -45.81 5.43
N PRO A 45 18.46 -46.12 4.28
CA PRO A 45 18.54 -45.19 3.16
C PRO A 45 17.17 -44.62 2.76
N VAL A 46 17.17 -43.39 2.26
CA VAL A 46 15.94 -42.65 2.00
C VAL A 46 15.22 -43.26 0.80
N ASN A 47 15.98 -43.88 -0.11
CA ASN A 47 15.41 -44.53 -1.29
C ASN A 47 14.55 -45.74 -0.89
N ARG A 48 14.85 -46.36 0.26
CA ARG A 48 14.14 -47.56 0.69
C ARG A 48 12.97 -47.21 1.62
N ILE A 49 12.62 -45.91 1.71
CA ILE A 49 11.41 -45.49 2.40
C ILE A 49 10.37 -45.11 1.36
N SER A 50 9.18 -45.72 1.45
CA SER A 50 8.09 -45.44 0.53
C SER A 50 7.28 -44.25 1.03
N LEU A 51 6.34 -43.79 0.19
CA LEU A 51 5.44 -42.71 0.55
C LEU A 51 4.38 -43.21 1.53
N ASN A 52 4.09 -44.53 1.48
CA ASN A 52 3.16 -45.15 2.40
C ASN A 52 3.73 -45.10 3.82
N ASP A 53 5.03 -45.40 3.95
CA ASP A 53 5.70 -45.36 5.23
C ASP A 53 5.56 -43.99 5.87
N VAL A 54 5.72 -42.94 5.05
CA VAL A 54 5.69 -41.56 5.53
C VAL A 54 4.26 -41.18 5.93
N SER A 55 3.28 -41.59 5.13
CA SER A 55 1.88 -41.29 5.40
C SER A 55 1.43 -41.97 6.69
N LYS A 56 1.82 -43.23 6.87
CA LYS A 56 1.50 -43.98 8.07
C LYS A 56 2.24 -43.39 9.27
N ALA A 57 3.49 -42.99 9.06
CA ALA A 57 4.32 -42.40 10.11
C ALA A 57 3.66 -41.12 10.61
N GLU A 58 3.22 -40.26 9.68
CA GLU A 58 2.56 -39.01 10.03
C GLU A 58 1.24 -39.29 10.74
N GLY A 59 0.56 -40.37 10.34
CA GLY A 59 -0.69 -40.77 10.96
C GLY A 59 -0.53 -41.15 12.42
N ILE A 60 0.61 -41.75 12.76
CA ILE A 60 0.89 -42.22 14.12
C ILE A 60 1.19 -41.03 15.02
N LEU A 61 1.89 -40.02 14.48
CA LEU A 61 2.25 -38.84 15.25
C LEU A 61 1.00 -38.12 15.76
N LEU A 62 -0.05 -38.09 14.94
CA LEU A 62 -1.30 -37.45 15.31
C LEU A 62 -1.97 -38.20 16.47
N LEU A 63 -1.88 -39.54 16.43
CA LEU A 63 -2.44 -40.38 17.48
C LEU A 63 -1.63 -40.21 18.76
N VAL A 64 -0.31 -40.14 18.63
CA VAL A 64 0.58 -40.00 19.78
C VAL A 64 0.40 -38.62 20.39
N LYS A 65 0.26 -37.60 19.54
CA LYS A 65 0.09 -36.22 19.99
C LYS A 65 -1.23 -36.10 20.75
N ALA A 66 -2.30 -36.67 20.18
CA ALA A 66 -3.62 -36.64 20.80
C ALA A 66 -3.57 -37.37 22.14
N ALA A 67 -2.88 -38.52 22.16
CA ALA A 67 -2.77 -39.34 23.35
C ALA A 67 -1.94 -38.64 24.42
N LEU A 68 -0.93 -37.87 23.99
CA LEU A 68 -0.03 -37.17 24.89
C LEU A 68 -0.78 -36.06 25.63
N LYS A 69 -1.63 -35.33 24.90
CA LYS A 69 -2.40 -34.24 25.47
C LYS A 69 -3.46 -34.76 26.43
N ASN A 70 -4.04 -35.93 26.10
CA ASN A 70 -5.06 -36.55 26.93
C ASN A 70 -4.44 -37.16 28.19
N GLY A 71 -3.12 -37.41 28.14
CA GLY A 71 -2.39 -37.90 29.29
C GLY A 71 -2.49 -39.41 29.41
N GLU A 72 -2.21 -40.13 28.31
CA GLU A 72 -2.13 -41.57 28.31
C GLU A 72 -0.79 -41.98 28.91
N THR A 73 -0.72 -43.21 29.40
CA THR A 73 0.49 -43.75 29.99
C THR A 73 1.58 -43.84 28.92
N ALA A 74 2.84 -43.76 29.36
CA ALA A 74 3.98 -43.80 28.47
C ALA A 74 4.09 -45.17 27.79
N GLU A 75 3.50 -46.20 28.44
CA GLU A 75 3.42 -47.53 27.88
C GLU A 75 2.78 -47.48 26.49
N GLN A 76 1.63 -46.81 26.39
CA GLN A 76 0.90 -46.70 25.13
C GLN A 76 1.67 -45.82 24.15
N LEU A 77 2.20 -44.69 24.63
CA LEU A 77 2.91 -43.74 23.80
C LEU A 77 4.10 -44.44 23.14
N GLN A 78 4.89 -45.15 23.95
CA GLN A 78 6.10 -45.82 23.48
C GLN A 78 5.74 -46.95 22.52
N LYS A 79 4.61 -47.63 22.78
CA LYS A 79 4.15 -48.72 21.94
C LYS A 79 3.84 -48.18 20.54
N MET A 80 3.23 -46.98 20.48
CA MET A 80 2.88 -46.36 19.22
C MET A 80 4.14 -45.83 18.53
N MET A 81 5.07 -45.29 19.33
CA MET A 81 6.23 -44.59 18.81
C MET A 81 7.23 -45.59 18.21
N THR A 82 7.32 -46.79 18.78
CA THR A 82 8.21 -47.82 18.28
C THR A 82 7.73 -48.30 16.90
N GLU A 83 6.43 -48.13 16.64
CA GLU A 83 5.85 -48.45 15.34
C GLU A 83 6.25 -47.38 14.33
N PHE A 84 6.34 -46.13 14.80
CA PHE A 84 6.81 -45.02 13.99
C PHE A 84 8.27 -45.23 13.61
N TYR A 85 9.10 -45.60 14.59
CA TYR A 85 10.54 -45.74 14.38
C TYR A 85 10.86 -46.95 13.51
N ARG A 86 9.92 -47.91 13.42
CA ARG A 86 10.08 -49.05 12.53
C ARG A 86 9.99 -48.58 11.08
N LEU A 87 9.05 -47.66 10.81
CA LEU A 87 8.85 -47.10 9.48
C LEU A 87 9.95 -46.10 9.15
N ILE A 88 10.36 -45.31 10.15
CA ILE A 88 11.35 -44.26 9.99
C ILE A 88 12.48 -44.49 11.00
N PRO A 89 13.46 -45.38 10.71
CA PRO A 89 14.56 -45.65 11.64
C PRO A 89 15.48 -44.46 11.86
N HIS A 90 16.00 -44.35 13.10
CA HIS A 90 16.91 -43.28 13.48
C HIS A 90 18.17 -43.91 14.08
N LYS A 91 19.31 -43.21 13.94
CA LYS A 91 20.49 -43.56 14.71
C LYS A 91 20.50 -42.68 15.96
N GLY A 92 21.38 -43.03 16.91
CA GLY A 92 21.43 -42.33 18.18
C GLY A 92 20.31 -42.79 19.12
N THR A 93 19.76 -41.84 19.90
CA THR A 93 18.84 -42.16 20.98
C THR A 93 17.41 -42.30 20.45
N MET A 94 16.58 -42.97 21.25
CA MET A 94 15.14 -43.01 21.03
C MET A 94 14.46 -42.36 22.24
N PRO A 95 14.22 -41.02 22.20
CA PRO A 95 13.73 -40.29 23.37
C PRO A 95 12.64 -41.00 24.16
N LYS A 96 12.95 -41.32 25.42
CA LYS A 96 12.00 -41.97 26.32
C LYS A 96 10.87 -40.99 26.66
N GLU A 97 11.25 -39.73 26.96
CA GLU A 97 10.29 -38.69 27.29
C GLU A 97 9.84 -38.02 25.99
N VAL A 98 8.67 -38.46 25.49
CA VAL A 98 8.13 -37.97 24.23
C VAL A 98 7.33 -36.70 24.50
N ASN A 99 7.98 -35.55 24.33
CA ASN A 99 7.34 -34.26 24.50
C ASN A 99 6.69 -33.84 23.17
N LEU A 100 5.92 -32.75 23.21
CA LEU A 100 5.22 -32.25 22.04
C LEU A 100 6.22 -31.68 21.02
N GLY A 101 7.34 -31.15 21.52
CA GLY A 101 8.38 -30.58 20.68
C GLY A 101 9.01 -31.60 19.74
N LEU A 102 9.17 -32.83 20.22
CA LEU A 102 9.72 -33.92 19.42
C LEU A 102 8.79 -34.20 18.23
N LEU A 103 7.49 -34.33 18.52
CA LEU A 103 6.50 -34.73 17.54
C LEU A 103 6.48 -33.73 16.37
N ALA A 104 6.65 -32.44 16.68
CA ALA A 104 6.67 -31.40 15.67
C ALA A 104 7.88 -31.56 14.76
N LYS A 105 9.02 -31.94 15.34
CA LYS A 105 10.26 -32.12 14.59
C LYS A 105 10.20 -33.42 13.76
N LYS A 106 9.54 -34.45 14.32
CA LYS A 106 9.34 -35.70 13.60
C LYS A 106 8.42 -35.46 12.40
N ALA A 107 7.43 -34.58 12.57
CA ALA A 107 6.51 -34.22 11.51
C ALA A 107 7.25 -33.46 10.41
N ASP A 108 8.17 -32.59 10.80
CA ASP A 108 9.02 -31.87 9.86
C ASP A 108 9.89 -32.86 9.10
N LEU A 109 10.49 -33.80 9.83
CA LEU A 109 11.38 -34.80 9.26
C LEU A 109 10.64 -35.60 8.18
N CYS A 110 9.39 -35.98 8.46
CA CYS A 110 8.58 -36.75 7.54
C CYS A 110 8.43 -36.02 6.21
N GLN A 111 8.29 -34.69 6.27
CA GLN A 111 8.12 -33.87 5.08
C GLN A 111 9.41 -33.83 4.27
N LEU A 112 10.55 -33.78 4.98
CA LEU A 112 11.86 -33.74 4.33
C LEU A 112 12.14 -35.06 3.64
N ILE A 113 11.61 -36.16 4.21
CA ILE A 113 11.70 -37.47 3.60
C ILE A 113 10.86 -37.50 2.33
N ARG A 114 9.66 -36.91 2.40
CA ARG A 114 8.73 -36.90 1.28
C ARG A 114 9.35 -36.18 0.08
N ASP A 115 10.11 -35.11 0.35
CA ASP A 115 10.79 -34.34 -0.69
C ASP A 115 11.78 -35.24 -1.43
N MET A 116 12.60 -35.96 -0.67
CA MET A 116 13.69 -36.73 -1.24
C MET A 116 13.15 -37.94 -2.01
N VAL A 117 12.00 -38.47 -1.59
CA VAL A 117 11.42 -39.64 -2.21
C VAL A 117 10.74 -39.24 -3.53
N ASN A 118 10.03 -38.11 -3.52
CA ASN A 118 9.31 -37.64 -4.70
C ASN A 118 10.29 -37.34 -5.84
N VAL A 119 11.42 -36.71 -5.50
CA VAL A 119 12.33 -36.19 -6.50
C VAL A 119 12.97 -37.34 -7.29
N CYS A 120 13.22 -38.47 -6.61
CA CYS A 120 13.88 -39.62 -7.22
C CYS A 120 12.86 -40.00 -8.30
N GLU A 121 13.30 -39.96 -9.56
CA GLU A 121 12.50 -40.39 -10.69
C GLU A 121 13.51 -40.57 -11.83
N ASN A 128 14.74 -36.99 -19.00
CA ASN A 128 14.71 -36.25 -17.70
C ASN A 128 15.99 -36.56 -16.92
N PRO A 129 17.04 -35.73 -17.04
CA PRO A 129 18.25 -35.89 -16.22
C PRO A 129 17.95 -35.73 -14.73
N PRO A 130 18.90 -36.08 -13.83
CA PRO A 130 18.69 -35.94 -12.40
C PRO A 130 18.74 -34.49 -11.90
N SER A 131 19.22 -33.57 -12.75
CA SER A 131 19.33 -32.16 -12.40
C SER A 131 18.00 -31.45 -12.65
N LEU A 132 17.36 -31.75 -13.79
CA LEU A 132 16.10 -31.11 -14.15
C LEU A 132 14.96 -31.65 -13.29
N ALA A 133 15.06 -32.91 -12.88
CA ALA A 133 14.07 -33.53 -12.01
C ALA A 133 14.00 -32.78 -10.68
N LYS A 134 15.16 -32.30 -10.22
CA LYS A 134 15.28 -31.61 -8.94
C LYS A 134 14.80 -30.16 -9.08
N TYR A 135 14.97 -29.57 -10.27
CA TYR A 135 14.57 -28.19 -10.51
C TYR A 135 13.03 -28.10 -10.57
N ARG A 136 12.41 -28.98 -11.36
CA ARG A 136 10.96 -29.03 -11.52
C ARG A 136 10.29 -29.30 -10.18
N ALA A 137 10.95 -30.11 -9.33
CA ALA A 137 10.39 -30.55 -8.06
C ALA A 137 10.19 -29.35 -7.11
N LEU A 138 11.03 -28.31 -7.26
CA LEU A 138 10.93 -27.13 -6.42
C LEU A 138 9.68 -26.33 -6.73
N ARG A 139 9.17 -26.45 -7.97
CA ARG A 139 8.07 -25.63 -8.45
C ARG A 139 8.38 -24.17 -8.12
N CYS A 140 9.52 -23.71 -8.67
CA CYS A 140 10.09 -22.42 -8.34
C CYS A 140 11.09 -22.05 -9.44
N LYS A 141 11.01 -20.81 -9.93
CA LYS A 141 11.75 -20.40 -11.12
C LYS A 141 12.98 -19.60 -10.70
N ILE A 142 14.13 -20.29 -10.59
CA ILE A 142 15.39 -19.66 -10.29
C ILE A 142 16.05 -19.26 -11.61
N GLU A 143 16.64 -18.05 -11.62
CA GLU A 143 17.32 -17.52 -12.79
C GLU A 143 18.59 -16.80 -12.34
N HIS A 144 19.73 -17.15 -12.96
CA HIS A 144 21.00 -16.54 -12.61
C HIS A 144 21.08 -15.14 -13.23
N VAL A 145 21.60 -14.18 -12.45
CA VAL A 145 21.82 -12.83 -12.91
C VAL A 145 23.33 -12.62 -13.05
N GLU A 146 23.75 -12.19 -14.25
CA GLU A 146 25.17 -12.09 -14.59
C GLU A 146 25.81 -10.97 -13.77
N GLN A 147 27.13 -11.09 -13.56
CA GLN A 147 27.89 -10.10 -12.81
C GLN A 147 28.10 -8.84 -13.66
N ASN A 148 28.02 -8.99 -14.98
CA ASN A 148 28.17 -7.87 -15.90
C ASN A 148 27.00 -6.89 -15.75
N THR A 149 25.79 -7.43 -15.56
CA THR A 149 24.57 -6.63 -15.60
C THR A 149 24.54 -5.66 -14.43
N GLU A 150 23.73 -4.60 -14.58
CA GLU A 150 23.61 -3.53 -13.60
C GLU A 150 22.61 -3.94 -12.52
N GLU A 151 21.91 -5.06 -12.73
CA GLU A 151 21.01 -5.63 -11.74
C GLU A 151 21.81 -6.22 -10.58
N PHE A 152 22.99 -6.78 -10.91
CA PHE A 152 23.85 -7.42 -9.92
C PHE A 152 24.46 -6.37 -9.00
N LEU A 153 24.93 -5.26 -9.57
CA LEU A 153 25.53 -4.17 -8.81
C LEU A 153 24.47 -3.52 -7.93
N ARG A 154 23.23 -3.42 -8.45
CA ARG A 154 22.13 -2.82 -7.72
C ARG A 154 21.83 -3.65 -6.47
N VAL A 155 21.65 -4.97 -6.66
CA VAL A 155 21.27 -5.88 -5.58
C VAL A 155 22.42 -6.01 -4.59
N ARG A 156 23.66 -6.01 -5.10
CA ARG A 156 24.85 -6.05 -4.26
C ARG A 156 24.80 -4.91 -3.24
N LYS A 157 24.55 -3.69 -3.73
CA LYS A 157 24.53 -2.51 -2.88
C LYS A 157 23.34 -2.57 -1.92
N GLU A 158 22.19 -3.05 -2.41
CA GLU A 158 21.00 -3.18 -1.58
C GLU A 158 21.30 -4.07 -0.38
N VAL A 159 22.05 -5.15 -0.61
CA VAL A 159 22.43 -6.07 0.45
C VAL A 159 23.49 -5.41 1.33
N LEU A 160 24.50 -4.79 0.70
CA LEU A 160 25.61 -4.18 1.41
C LEU A 160 25.31 -2.69 1.63
N GLN A 161 24.41 -2.40 2.57
CA GLN A 161 24.11 -1.03 2.98
C GLN A 161 24.03 -0.99 4.50
N ASN A 162 22.96 -1.57 5.06
CA ASN A 162 22.81 -1.70 6.50
C ASN A 162 23.67 -2.86 6.97
N HIS A 163 24.96 -2.57 7.20
CA HIS A 163 25.92 -3.56 7.67
C HIS A 163 26.61 -2.98 8.92
N HIS A 164 26.00 -3.23 10.08
CA HIS A 164 26.47 -2.68 11.35
C HIS A 164 27.87 -3.23 11.64
N SER A 165 27.99 -4.56 11.56
CA SER A 165 29.28 -5.23 11.59
C SER A 165 30.07 -4.90 10.32
N LYS A 166 31.41 -4.95 10.41
CA LYS A 166 32.26 -4.63 9.30
C LYS A 166 33.05 -5.87 8.87
N SER A 167 32.37 -7.02 8.90
CA SER A 167 32.94 -8.28 8.44
C SER A 167 32.80 -8.37 6.92
N PRO A 168 33.91 -8.51 6.16
CA PRO A 168 33.83 -8.61 4.70
C PRO A 168 32.84 -9.69 4.23
N VAL A 169 32.15 -9.40 3.12
CA VAL A 169 31.11 -10.28 2.62
C VAL A 169 31.39 -10.60 1.16
N ASP A 170 31.67 -11.89 0.88
CA ASP A 170 31.97 -12.35 -0.47
C ASP A 170 30.67 -12.80 -1.14
N VAL A 171 30.00 -11.86 -1.81
CA VAL A 171 28.77 -12.16 -2.55
C VAL A 171 29.16 -12.87 -3.84
N LEU A 172 29.05 -14.21 -3.83
CA LEU A 172 29.48 -15.02 -4.97
C LEU A 172 28.42 -14.97 -6.07
N GLN A 173 27.21 -15.45 -5.75
CA GLN A 173 26.15 -15.59 -6.74
C GLN A 173 24.89 -14.89 -6.24
N ILE A 174 24.13 -14.35 -7.20
CA ILE A 174 22.77 -13.86 -6.96
C ILE A 174 21.85 -14.54 -7.96
N PHE A 175 20.67 -14.96 -7.48
CA PHE A 175 19.68 -15.61 -8.34
C PHE A 175 18.33 -14.94 -8.16
N ARG A 176 17.69 -14.59 -9.28
CA ARG A 176 16.32 -14.12 -9.30
C ARG A 176 15.40 -15.33 -9.10
N VAL A 177 14.56 -15.27 -8.07
CA VAL A 177 13.69 -16.39 -7.72
C VAL A 177 12.24 -15.90 -7.72
N GLY A 178 11.30 -16.83 -7.94
CA GLY A 178 9.88 -16.50 -7.94
C GLY A 178 9.15 -17.83 -7.75
N ARG A 179 8.04 -17.79 -7.03
CA ARG A 179 7.12 -18.92 -6.94
C ARG A 179 5.89 -18.33 -7.60
N VAL A 180 5.07 -19.18 -8.23
CA VAL A 180 4.02 -18.76 -9.14
C VAL A 180 2.84 -18.20 -8.34
N ASN A 181 2.30 -19.02 -7.43
CA ASN A 181 1.12 -18.66 -6.66
C ASN A 181 1.46 -17.61 -5.60
N GLU A 182 2.74 -17.50 -5.26
CA GLU A 182 3.21 -16.58 -4.23
C GLU A 182 3.05 -15.14 -4.69
N THR A 183 3.21 -14.90 -6.00
CA THR A 183 3.17 -13.57 -6.58
C THR A 183 1.75 -13.04 -6.65
N THR A 184 0.82 -13.88 -7.10
CA THR A 184 -0.56 -13.47 -7.36
C THR A 184 -1.32 -13.22 -6.05
N GLU A 185 -0.94 -13.94 -4.99
CA GLU A 185 -1.66 -13.89 -3.73
C GLU A 185 -1.04 -12.85 -2.78
N PHE A 186 0.10 -12.28 -3.18
CA PHE A 186 0.79 -11.29 -2.36
C PHE A 186 -0.10 -10.08 -2.12
N LEU A 187 -0.10 -9.58 -0.88
CA LEU A 187 -0.97 -8.48 -0.48
C LEU A 187 -0.24 -7.15 -0.71
N SER A 188 -0.07 -6.79 -1.99
CA SER A 188 0.59 -5.53 -2.34
C SER A 188 -0.34 -4.36 -2.05
N LYS A 189 -1.66 -4.58 -2.20
CA LYS A 189 -2.66 -3.56 -1.96
C LYS A 189 -2.50 -2.99 -0.55
N LEU A 190 -2.27 -3.88 0.43
CA LEU A 190 -1.80 -3.49 1.75
C LEU A 190 -0.42 -2.86 1.57
N GLY A 191 -0.31 -1.56 1.85
CA GLY A 191 0.85 -0.78 1.44
C GLY A 191 2.08 -1.07 2.30
N ASN A 192 3.07 -0.19 2.19
CA ASN A 192 4.31 -0.26 2.96
C ASN A 192 5.01 -1.59 2.66
N VAL A 193 5.30 -1.81 1.38
CA VAL A 193 6.07 -2.96 0.94
C VAL A 193 7.52 -2.53 0.79
N ARG A 194 8.42 -3.20 1.52
CA ARG A 194 9.85 -2.88 1.46
C ARG A 194 10.65 -4.18 1.43
N PRO A 195 11.78 -4.23 0.67
CA PRO A 195 12.58 -5.44 0.57
C PRO A 195 13.45 -5.68 1.80
N LEU A 196 13.22 -6.83 2.45
CA LEU A 196 13.94 -7.21 3.65
C LEU A 196 14.68 -8.53 3.42
N LEU A 197 15.58 -8.87 4.35
CA LEU A 197 16.45 -10.02 4.23
C LEU A 197 15.98 -11.13 5.17
N HIS A 198 16.15 -12.38 4.75
CA HIS A 198 15.83 -13.53 5.57
C HIS A 198 16.96 -14.56 5.47
N GLY A 199 17.77 -14.66 6.54
CA GLY A 199 18.81 -15.67 6.63
C GLY A 199 18.24 -17.02 7.05
N SER A 200 18.85 -18.10 6.56
CA SER A 200 18.39 -19.45 6.87
C SER A 200 19.50 -20.44 6.52
N PRO A 201 19.69 -21.54 7.30
CA PRO A 201 20.65 -22.58 6.94
C PRO A 201 20.31 -23.21 5.59
N VAL A 202 21.34 -23.75 4.92
CA VAL A 202 21.25 -24.14 3.53
C VAL A 202 20.32 -25.35 3.37
N GLN A 203 20.19 -26.15 4.44
CA GLN A 203 19.40 -27.37 4.41
C GLN A 203 17.90 -27.06 4.36
N ASN A 204 17.51 -25.81 4.69
CA ASN A 204 16.12 -25.41 4.71
C ASN A 204 15.63 -24.96 3.34
N ILE A 205 16.57 -24.73 2.40
CA ILE A 205 16.29 -23.94 1.22
C ILE A 205 15.34 -24.68 0.28
N VAL A 206 15.51 -26.00 0.12
CA VAL A 206 14.62 -26.78 -0.74
C VAL A 206 13.19 -26.65 -0.21
N GLY A 207 13.03 -26.69 1.11
CA GLY A 207 11.72 -26.58 1.73
C GLY A 207 11.12 -25.17 1.61
N ILE A 208 11.99 -24.15 1.63
CA ILE A 208 11.56 -22.77 1.50
C ILE A 208 11.13 -22.51 0.06
N LEU A 209 11.90 -23.05 -0.91
CA LEU A 209 11.58 -22.84 -2.32
C LEU A 209 10.37 -23.65 -2.72
N CYS A 210 10.13 -24.78 -2.06
CA CYS A 210 9.02 -25.67 -2.37
C CYS A 210 7.69 -25.06 -1.88
N ARG A 211 7.69 -24.49 -0.67
CA ARG A 211 6.45 -24.12 0.00
C ARG A 211 6.48 -22.67 0.49
N GLY A 212 7.48 -21.89 0.06
CA GLY A 212 7.66 -20.54 0.58
C GLY A 212 8.03 -20.55 2.06
N LEU A 213 8.10 -19.35 2.65
CA LEU A 213 8.32 -19.22 4.08
C LEU A 213 7.02 -19.53 4.81
N LEU A 214 7.08 -20.47 5.76
CA LEU A 214 5.90 -20.93 6.47
C LEU A 214 5.87 -20.34 7.87
N LEU A 215 4.67 -20.34 8.48
CA LEU A 215 4.49 -19.88 9.85
C LEU A 215 5.02 -20.94 10.80
N PRO A 216 5.80 -20.57 11.85
CA PRO A 216 6.23 -21.51 12.87
C PRO A 216 5.06 -22.15 13.61
N LYS A 217 5.26 -23.40 14.07
CA LYS A 217 4.21 -24.17 14.69
C LYS A 217 4.16 -23.85 16.18
N VAL A 218 3.02 -23.31 16.63
CA VAL A 218 2.81 -22.97 18.03
C VAL A 218 2.61 -24.27 18.82
N VAL A 219 3.66 -24.71 19.51
CA VAL A 219 3.63 -25.94 20.28
C VAL A 219 2.91 -25.69 21.60
N GLU A 220 1.84 -26.45 21.85
CA GLU A 220 1.05 -26.31 23.06
C GLU A 220 1.77 -27.00 24.22
N VAL A 229 9.33 -20.05 20.26
CA VAL A 229 10.79 -19.86 20.53
C VAL A 229 11.19 -18.42 20.19
N GLY A 230 10.68 -17.90 19.06
CA GLY A 230 10.94 -16.53 18.64
C GLY A 230 10.40 -15.51 19.65
N ASN A 231 11.07 -14.35 19.72
CA ASN A 231 10.81 -13.37 20.77
C ASN A 231 9.80 -12.33 20.31
N LEU A 232 9.22 -12.51 19.12
CA LEU A 232 8.03 -11.79 18.70
C LEU A 232 6.95 -12.78 18.28
N GLY A 233 6.98 -13.98 18.88
CA GLY A 233 5.96 -14.99 18.66
C GLY A 233 6.17 -15.77 17.37
N SER A 234 5.15 -16.54 16.99
CA SER A 234 5.23 -17.46 15.86
C SER A 234 4.85 -16.75 14.57
N GLY A 235 5.82 -16.02 14.00
CA GLY A 235 5.66 -15.35 12.72
C GLY A 235 6.89 -15.51 11.85
N ILE A 236 6.89 -14.82 10.69
CA ILE A 236 8.01 -14.86 9.76
C ILE A 236 8.85 -13.61 9.98
N TYR A 237 10.13 -13.80 10.30
CA TYR A 237 11.01 -12.71 10.70
C TYR A 237 11.88 -12.26 9.52
N PHE A 238 12.19 -10.96 9.51
CA PHE A 238 13.08 -10.37 8.53
C PHE A 238 13.93 -9.30 9.20
N SER A 239 14.87 -8.72 8.44
CA SER A 239 15.69 -7.63 8.94
C SER A 239 16.16 -6.74 7.78
N ASP A 240 16.31 -5.45 8.08
CA ASP A 240 16.84 -4.48 7.12
C ASP A 240 18.36 -4.61 7.06
N SER A 241 18.96 -5.08 8.17
CA SER A 241 20.40 -5.20 8.30
C SER A 241 20.88 -6.56 7.82
N LEU A 242 22.04 -6.57 7.17
CA LEU A 242 22.67 -7.81 6.70
C LEU A 242 23.38 -8.50 7.85
N SER A 243 24.07 -7.71 8.69
CA SER A 243 24.84 -8.24 9.81
C SER A 243 23.98 -9.14 10.70
N THR A 244 22.68 -8.84 10.78
CA THR A 244 21.76 -9.56 11.64
C THR A 244 21.29 -10.85 10.96
N SER A 245 21.17 -10.82 9.62
CA SER A 245 20.68 -11.94 8.84
C SER A 245 21.79 -12.97 8.62
N ILE A 246 23.05 -12.56 8.81
CA ILE A 246 24.19 -13.48 8.69
C ILE A 246 24.16 -14.46 9.87
N LYS A 247 23.66 -13.99 11.03
CA LYS A 247 23.65 -14.80 12.24
C LYS A 247 22.75 -16.02 12.06
N TYR A 248 21.69 -15.88 11.25
CA TYR A 248 20.71 -16.94 11.05
C TYR A 248 21.05 -17.76 9.81
N SER A 249 21.77 -17.16 8.86
CA SER A 249 22.18 -17.83 7.64
C SER A 249 23.47 -18.62 7.88
N HIS A 250 23.32 -19.86 8.36
CA HIS A 250 24.46 -20.68 8.75
C HIS A 250 25.14 -21.26 7.51
N PRO A 251 26.46 -21.53 7.54
CA PRO A 251 27.16 -22.14 6.41
C PRO A 251 26.79 -23.61 6.20
N GLY A 252 26.67 -24.02 4.94
CA GLY A 252 26.33 -25.39 4.59
C GLY A 252 27.55 -26.31 4.70
N GLU A 253 27.30 -27.57 5.06
CA GLU A 253 28.36 -28.56 5.24
C GLU A 253 28.84 -29.05 3.87
N THR A 254 27.98 -28.96 2.85
CA THR A 254 28.29 -29.43 1.52
C THR A 254 29.32 -28.52 0.85
N ASP A 255 28.95 -27.23 0.71
CA ASP A 255 29.71 -26.27 -0.07
C ASP A 255 30.59 -25.42 0.85
N GLY A 256 30.04 -25.01 2.00
CA GLY A 256 30.71 -24.09 2.89
C GLY A 256 30.28 -22.65 2.67
N THR A 257 29.13 -22.46 2.01
CA THR A 257 28.63 -21.15 1.64
C THR A 257 27.32 -20.87 2.37
N ARG A 258 26.93 -19.59 2.38
CA ARG A 258 25.73 -19.14 3.05
C ARG A 258 24.68 -18.73 2.01
N LEU A 259 23.41 -19.00 2.31
CA LEU A 259 22.30 -18.59 1.46
C LEU A 259 21.36 -17.68 2.24
N LEU A 260 20.79 -16.69 1.53
CA LEU A 260 19.99 -15.65 2.14
C LEU A 260 18.97 -15.15 1.13
N LEU A 261 17.74 -14.89 1.61
CA LEU A 261 16.63 -14.50 0.76
C LEU A 261 16.39 -13.00 0.87
N ILE A 262 16.06 -12.37 -0.26
CA ILE A 262 15.52 -11.02 -0.29
C ILE A 262 14.05 -11.11 -0.66
N CYS A 263 13.17 -10.68 0.26
CA CYS A 263 11.74 -10.78 0.07
C CYS A 263 11.10 -9.40 0.16
N ASP A 264 10.11 -9.15 -0.71
CA ASP A 264 9.19 -8.03 -0.54
C ASP A 264 8.20 -8.41 0.56
N VAL A 265 8.22 -7.64 1.66
CA VAL A 265 7.37 -7.89 2.81
C VAL A 265 6.34 -6.78 2.91
N ALA A 266 5.09 -7.09 2.61
CA ALA A 266 3.99 -6.15 2.73
C ALA A 266 3.50 -6.13 4.17
N LEU A 267 3.92 -5.11 4.94
CA LEU A 267 3.71 -5.08 6.37
C LEU A 267 2.91 -3.85 6.79
N GLY A 268 2.30 -3.15 5.82
CA GLY A 268 1.33 -2.09 6.08
C GLY A 268 1.61 -1.30 7.37
N LYS A 269 0.63 -1.32 8.28
CA LYS A 269 0.77 -0.67 9.58
C LYS A 269 1.70 -1.50 10.46
N CYS A 270 2.83 -0.89 10.85
CA CYS A 270 3.90 -1.59 11.55
C CYS A 270 4.09 -0.99 12.94
N MET A 271 3.73 -1.77 13.98
CA MET A 271 3.80 -1.30 15.35
C MET A 271 5.22 -1.52 15.87
N ASP A 272 5.86 -0.43 16.31
CA ASP A 272 7.19 -0.48 16.90
C ASP A 272 7.07 -0.97 18.34
N LEU A 273 7.84 -2.01 18.68
CA LEU A 273 7.84 -2.59 20.02
C LEU A 273 9.21 -2.43 20.65
N HIS A 274 9.22 -2.32 21.99
CA HIS A 274 10.44 -2.28 22.78
C HIS A 274 10.57 -3.56 23.61
N GLU A 275 9.47 -3.98 24.24
CA GLU A 275 9.44 -5.19 25.05
C GLU A 275 9.22 -6.41 24.15
N LYS A 276 9.61 -7.59 24.65
CA LYS A 276 9.41 -8.85 23.96
C LYS A 276 7.95 -9.30 24.12
N ASP A 277 7.56 -10.27 23.28
CA ASP A 277 6.21 -10.81 23.33
C ASP A 277 6.20 -12.15 22.58
N PHE A 278 6.26 -13.26 23.34
CA PHE A 278 6.43 -14.59 22.78
C PHE A 278 5.08 -15.21 22.40
N SER A 279 3.98 -14.56 22.79
CA SER A 279 2.65 -15.16 22.68
C SER A 279 1.92 -14.64 21.43
N LEU A 280 2.63 -13.96 20.53
CA LEU A 280 2.02 -13.38 19.34
C LEU A 280 1.83 -14.47 18.27
N THR A 281 0.57 -14.87 18.05
CA THR A 281 0.23 -15.78 16.97
C THR A 281 -0.04 -14.98 15.69
N GLU A 282 -0.58 -13.77 15.86
CA GLU A 282 -0.80 -12.85 14.74
C GLU A 282 -0.47 -11.43 15.20
N ALA A 283 -0.57 -10.47 14.26
CA ALA A 283 -0.20 -9.08 14.52
C ALA A 283 -1.14 -8.47 15.56
N PRO A 284 -0.69 -7.44 16.32
CA PRO A 284 -1.55 -6.76 17.30
C PRO A 284 -2.81 -6.18 16.67
N PRO A 285 -3.91 -6.02 17.44
CA PRO A 285 -5.16 -5.51 16.88
C PRO A 285 -5.02 -4.05 16.47
N GLY A 286 -5.16 -3.79 15.16
CA GLY A 286 -5.03 -2.46 14.61
C GLY A 286 -3.83 -2.32 13.67
N TYR A 287 -2.87 -3.24 13.80
CA TYR A 287 -1.65 -3.21 12.99
C TYR A 287 -1.52 -4.50 12.18
N ASP A 288 -0.71 -4.43 11.12
CA ASP A 288 -0.55 -5.52 10.18
C ASP A 288 0.76 -6.27 10.42
N SER A 289 1.69 -5.65 11.18
CA SER A 289 3.01 -6.21 11.38
C SER A 289 3.63 -5.64 12.65
N VAL A 290 4.83 -6.13 12.98
CA VAL A 290 5.54 -5.72 14.19
C VAL A 290 6.98 -5.37 13.82
N HIS A 291 7.53 -4.35 14.50
CA HIS A 291 8.93 -3.99 14.37
C HIS A 291 9.57 -3.98 15.75
N GLY A 292 10.53 -4.88 15.97
CA GLY A 292 11.36 -4.86 17.17
C GLY A 292 12.50 -3.85 17.04
N VAL A 293 12.37 -2.71 17.73
CA VAL A 293 13.35 -1.64 17.64
C VAL A 293 14.62 -2.07 18.37
N SER A 294 15.78 -1.80 17.74
CA SER A 294 17.06 -2.24 18.27
C SER A 294 17.52 -1.32 19.40
N GLN A 295 18.46 -1.83 20.20
CA GLN A 295 19.11 -1.07 21.27
C GLN A 295 19.90 0.08 20.64
N THR A 296 19.71 1.30 21.16
CA THR A 296 20.38 2.47 20.62
C THR A 296 21.13 3.17 21.77
N ALA A 297 21.38 4.48 21.59
CA ALA A 297 22.13 5.26 22.56
C ALA A 297 21.29 5.53 23.81
N SER A 298 20.10 6.13 23.60
CA SER A 298 19.24 6.55 24.71
C SER A 298 17.83 6.00 24.52
N VAL A 299 17.72 4.82 23.90
CA VAL A 299 16.45 4.12 23.78
C VAL A 299 16.72 2.62 23.95
N THR A 300 16.65 2.15 25.20
CA THR A 300 16.90 0.76 25.52
C THR A 300 15.70 -0.09 25.11
N THR A 301 15.99 -1.27 24.56
CA THR A 301 14.98 -2.23 24.13
C THR A 301 15.45 -3.64 24.48
N ASP A 302 14.54 -4.62 24.31
CA ASP A 302 14.86 -6.02 24.54
C ASP A 302 15.41 -6.65 23.26
N PHE A 303 15.35 -5.90 22.14
CA PHE A 303 15.83 -6.38 20.86
C PHE A 303 17.22 -5.83 20.59
N GLU A 304 18.18 -6.74 20.35
CA GLU A 304 19.55 -6.37 20.03
C GLU A 304 19.61 -5.84 18.60
N ASP A 305 18.83 -6.46 17.70
CA ASP A 305 18.81 -6.11 16.29
C ASP A 305 17.39 -5.82 15.85
N ASP A 306 17.27 -5.18 14.69
CA ASP A 306 15.98 -4.79 14.12
C ASP A 306 15.30 -6.02 13.52
N GLU A 307 14.16 -6.41 14.11
CA GLU A 307 13.37 -7.52 13.61
C GLU A 307 12.08 -6.97 12.99
N PHE A 308 11.70 -7.53 11.84
CA PHE A 308 10.43 -7.22 11.20
C PHE A 308 9.66 -8.53 11.04
N VAL A 309 8.44 -8.57 11.60
CA VAL A 309 7.68 -9.82 11.68
C VAL A 309 6.29 -9.62 11.08
N VAL A 310 5.93 -10.53 10.16
CA VAL A 310 4.57 -10.67 9.68
C VAL A 310 4.06 -12.05 10.09
N TYR A 311 2.73 -12.19 10.17
CA TYR A 311 2.11 -13.42 10.62
C TYR A 311 1.14 -13.94 9.56
N LYS A 312 1.46 -13.67 8.30
CA LYS A 312 0.72 -14.16 7.14
C LYS A 312 1.72 -14.53 6.06
N THR A 313 1.53 -15.71 5.44
CA THR A 313 2.44 -16.16 4.39
C THR A 313 2.30 -15.28 3.15
N ASN A 314 1.11 -14.71 2.97
CA ASN A 314 0.81 -13.93 1.77
C ASN A 314 1.17 -12.46 1.98
N GLN A 315 1.91 -12.15 3.06
CA GLN A 315 2.55 -10.87 3.23
C GLN A 315 4.02 -10.97 2.84
N VAL A 316 4.41 -12.09 2.20
CA VAL A 316 5.79 -12.35 1.86
C VAL A 316 5.87 -12.78 0.39
N LYS A 317 6.96 -12.40 -0.27
CA LYS A 317 7.19 -12.70 -1.68
C LYS A 317 8.69 -12.59 -1.95
N MET A 318 9.34 -13.75 -2.08
CA MET A 318 10.79 -13.80 -2.19
C MET A 318 11.21 -13.43 -3.63
N LYS A 319 12.25 -12.59 -3.72
CA LYS A 319 12.68 -12.00 -4.97
C LYS A 319 14.02 -12.58 -5.40
N TYR A 320 14.98 -12.68 -4.46
CA TYR A 320 16.33 -13.10 -4.77
C TYR A 320 16.83 -14.14 -3.76
N ILE A 321 17.79 -14.95 -4.20
CA ILE A 321 18.62 -15.79 -3.33
C ILE A 321 20.05 -15.31 -3.47
N ILE A 322 20.71 -15.03 -2.34
CA ILE A 322 22.06 -14.52 -2.33
C ILE A 322 22.98 -15.61 -1.78
N LYS A 323 23.97 -16.03 -2.59
CA LYS A 323 24.99 -16.96 -2.15
C LYS A 323 26.24 -16.17 -1.77
N PHE A 324 26.58 -16.21 -0.47
CA PHE A 324 27.69 -15.44 0.06
C PHE A 324 28.49 -16.28 1.05
N SER A 325 29.58 -15.71 1.57
CA SER A 325 30.43 -16.41 2.52
C SER A 325 31.26 -15.41 3.32
N MET A 326 31.40 -15.69 4.63
CA MET A 326 32.22 -14.88 5.52
C MET A 326 33.68 -15.33 5.40
N PRO A 327 34.66 -14.55 5.90
CA PRO A 327 36.05 -15.00 5.95
C PRO A 327 36.23 -16.24 6.82
N GLY A 328 35.78 -16.15 8.08
CA GLY A 328 35.84 -17.28 9.00
C GLY A 328 34.72 -18.27 8.75
N SER B 2 -38.21 19.33 -44.73
CA SER B 2 -37.34 20.10 -45.61
C SER B 2 -35.89 19.73 -45.34
N GLU B 3 -34.98 20.33 -46.13
CA GLU B 3 -33.56 20.21 -45.92
C GLU B 3 -33.20 20.67 -44.51
N GLN B 4 -33.81 21.78 -44.09
CA GLN B 4 -33.47 22.44 -42.83
C GLN B 4 -33.98 21.63 -41.65
N LEU B 5 -35.20 21.10 -41.76
CA LEU B 5 -35.78 20.30 -40.68
C LEU B 5 -34.92 19.07 -40.44
N GLN B 6 -34.62 18.32 -41.51
CA GLN B 6 -33.82 17.12 -41.42
C GLN B 6 -32.42 17.44 -40.89
N ALA B 7 -31.95 18.68 -41.13
CA ALA B 7 -30.69 19.15 -40.58
C ALA B 7 -30.81 19.31 -39.07
N LEU B 8 -31.92 19.90 -38.61
CA LEU B 8 -32.15 20.16 -37.20
C LEU B 8 -32.37 18.85 -36.44
N LEU B 9 -33.07 17.89 -37.08
CA LEU B 9 -33.35 16.61 -36.46
C LEU B 9 -32.07 15.81 -36.27
N LEU B 10 -31.17 15.86 -37.26
CA LEU B 10 -29.86 15.25 -37.12
C LEU B 10 -29.04 16.00 -36.07
N GLU B 11 -29.12 17.33 -36.09
CA GLU B 11 -28.41 18.19 -35.14
C GLU B 11 -28.81 17.80 -33.72
N GLU B 12 -30.09 17.49 -33.50
CA GLU B 12 -30.58 17.07 -32.19
C GLU B 12 -29.93 15.76 -31.79
N VAL B 13 -29.81 14.83 -32.74
CA VAL B 13 -29.27 13.50 -32.48
C VAL B 13 -27.77 13.59 -32.21
N MET B 14 -27.04 14.26 -33.11
CA MET B 14 -25.59 14.36 -33.02
C MET B 14 -25.20 15.10 -31.74
N ASN B 15 -25.95 16.16 -31.40
CA ASN B 15 -25.73 16.92 -30.19
C ASN B 15 -26.61 16.38 -29.07
N SER B 16 -26.23 15.21 -28.55
CA SER B 16 -26.90 14.60 -27.41
C SER B 16 -26.00 13.53 -26.79
N SER B 17 -26.32 13.15 -25.54
CA SER B 17 -25.63 12.05 -24.88
C SER B 17 -26.51 11.53 -23.75
N THR B 18 -26.42 10.22 -23.49
CA THR B 18 -27.24 9.57 -22.50
C THR B 18 -26.63 9.76 -21.10
N LEU B 19 -26.40 11.01 -20.71
CA LEU B 19 -26.07 11.34 -19.33
C LEU B 19 -27.38 11.31 -18.53
N SER B 20 -27.27 10.98 -17.23
CA SER B 20 -28.43 11.03 -16.34
C SER B 20 -28.93 12.47 -16.25
N GLN B 21 -30.20 12.63 -15.85
CA GLN B 21 -30.72 13.94 -15.45
C GLN B 21 -29.97 14.42 -14.21
N GLU B 22 -29.78 13.50 -13.26
CA GLU B 22 -29.12 13.78 -11.99
C GLU B 22 -27.73 14.37 -12.24
N VAL B 23 -26.98 13.75 -13.16
CA VAL B 23 -25.63 14.17 -13.50
C VAL B 23 -25.69 15.51 -14.24
N SER B 24 -26.67 15.65 -15.14
CA SER B 24 -26.83 16.87 -15.92
C SER B 24 -27.18 18.04 -14.99
N ASP B 25 -28.13 17.81 -14.07
CA ASP B 25 -28.59 18.84 -13.15
C ASP B 25 -27.44 19.26 -12.23
N LEU B 26 -26.60 18.30 -11.83
CA LEU B 26 -25.43 18.56 -11.01
C LEU B 26 -24.48 19.49 -11.75
N VAL B 27 -24.21 19.16 -13.02
CA VAL B 27 -23.30 19.94 -13.85
C VAL B 27 -23.85 21.36 -14.02
N GLU B 28 -25.15 21.46 -14.32
CA GLU B 28 -25.78 22.75 -14.55
C GLU B 28 -25.72 23.62 -13.30
N MET B 29 -25.84 23.00 -12.11
CA MET B 29 -25.88 23.72 -10.86
C MET B 29 -24.50 24.30 -10.54
N ILE B 30 -23.48 23.43 -10.48
CA ILE B 30 -22.16 23.81 -10.01
C ILE B 30 -21.57 24.89 -10.90
N TRP B 31 -21.89 24.85 -12.20
CA TRP B 31 -21.46 25.86 -13.15
C TRP B 31 -22.26 27.16 -12.94
N ALA B 32 -23.56 27.02 -12.67
CA ALA B 32 -24.42 28.16 -12.40
C ALA B 32 -24.00 28.84 -11.10
N GLU B 33 -23.71 28.03 -10.07
CA GLU B 33 -23.28 28.52 -8.78
C GLU B 33 -21.94 29.24 -8.91
N ALA B 34 -21.05 28.68 -9.73
CA ALA B 34 -19.73 29.26 -9.96
C ALA B 34 -19.87 30.59 -10.70
N LEU B 35 -20.73 30.63 -11.73
CA LEU B 35 -21.00 31.83 -12.48
C LEU B 35 -21.69 32.86 -11.59
N GLY B 36 -22.50 32.39 -10.65
CA GLY B 36 -23.19 33.25 -9.69
C GLY B 36 -22.21 33.99 -8.78
N HIS B 37 -21.04 33.39 -8.52
CA HIS B 37 -20.01 34.00 -7.71
C HIS B 37 -19.33 35.13 -8.49
N LEU B 38 -19.09 34.90 -9.79
CA LEU B 38 -18.44 35.88 -10.65
C LEU B 38 -19.34 37.09 -10.86
N GLU B 39 -20.61 36.83 -11.23
CA GLU B 39 -21.55 37.89 -11.53
C GLU B 39 -21.77 38.79 -10.32
N HIS B 40 -21.51 38.27 -9.11
CA HIS B 40 -21.69 39.02 -7.89
C HIS B 40 -20.67 40.17 -7.79
N MET B 41 -19.49 40.00 -8.40
CA MET B 41 -18.44 41.01 -8.33
C MET B 41 -17.71 41.13 -9.67
N LEU B 42 -18.47 41.41 -10.72
CA LEU B 42 -17.91 41.72 -12.04
C LEU B 42 -18.86 42.67 -12.77
N LEU B 43 -18.40 43.89 -13.02
CA LEU B 43 -19.16 44.85 -13.82
C LEU B 43 -19.29 44.32 -15.25
N LYS B 44 -18.15 43.94 -15.84
CA LYS B 44 -18.11 43.43 -17.20
C LYS B 44 -18.59 41.98 -17.20
N PRO B 45 -19.55 41.61 -18.08
CA PRO B 45 -19.89 40.20 -18.31
C PRO B 45 -18.66 39.33 -18.58
N VAL B 46 -18.74 38.07 -18.17
CA VAL B 46 -17.60 37.16 -18.21
C VAL B 46 -17.28 36.80 -19.66
N ASN B 47 -18.30 36.82 -20.52
CA ASN B 47 -18.13 36.52 -21.94
C ASN B 47 -17.27 37.58 -22.63
N ARG B 48 -17.26 38.81 -22.10
CA ARG B 48 -16.53 39.91 -22.72
C ARG B 48 -15.13 40.05 -22.13
N ILE B 49 -14.69 39.05 -21.35
CA ILE B 49 -13.31 38.98 -20.88
C ILE B 49 -12.59 37.90 -21.69
N SER B 50 -11.46 38.27 -22.31
CA SER B 50 -10.66 37.34 -23.09
C SER B 50 -9.68 36.59 -22.18
N LEU B 51 -9.01 35.59 -22.75
CA LEU B 51 -8.00 34.83 -22.02
C LEU B 51 -6.71 35.66 -21.90
N ASN B 52 -6.52 36.60 -22.82
CA ASN B 52 -5.38 37.51 -22.78
C ASN B 52 -5.52 38.43 -21.56
N ASP B 53 -6.73 38.94 -21.32
CA ASP B 53 -7.01 39.80 -20.18
C ASP B 53 -6.62 39.09 -18.88
N VAL B 54 -6.95 37.80 -18.79
CA VAL B 54 -6.72 37.01 -17.59
C VAL B 54 -5.22 36.76 -17.41
N SER B 55 -4.54 36.45 -18.52
CA SER B 55 -3.10 36.18 -18.47
C SER B 55 -2.33 37.43 -18.06
N LYS B 56 -2.72 38.58 -18.62
CA LYS B 56 -2.11 39.85 -18.28
C LYS B 56 -2.44 40.23 -16.84
N ALA B 57 -3.68 39.96 -16.43
CA ALA B 57 -4.14 40.25 -15.08
C ALA B 57 -3.30 39.47 -14.07
N GLU B 58 -3.09 38.18 -14.34
CA GLU B 58 -2.29 37.32 -13.47
C GLU B 58 -0.84 37.80 -13.44
N GLY B 59 -0.36 38.32 -14.58
CA GLY B 59 1.00 38.85 -14.69
C GLY B 59 1.22 40.07 -13.79
N ILE B 60 0.18 40.90 -13.64
CA ILE B 60 0.26 42.12 -12.86
C ILE B 60 0.29 41.78 -11.37
N LEU B 61 -0.47 40.76 -10.96
CA LEU B 61 -0.53 40.34 -9.57
C LEU B 61 0.84 39.95 -9.06
N LEU B 62 1.64 39.29 -9.91
CA LEU B 62 2.99 38.88 -9.55
C LEU B 62 3.88 40.10 -9.32
N LEU B 63 3.70 41.14 -10.15
CA LEU B 63 4.46 42.37 -10.02
C LEU B 63 4.04 43.13 -8.77
N VAL B 64 2.73 43.14 -8.49
CA VAL B 64 2.19 43.84 -7.34
C VAL B 64 2.62 43.12 -6.06
N LYS B 65 2.59 41.78 -6.10
CA LYS B 65 2.98 40.96 -4.96
C LYS B 65 4.46 41.17 -4.65
N ALA B 66 5.30 41.15 -5.69
CA ALA B 66 6.72 41.38 -5.54
C ALA B 66 6.99 42.78 -4.97
N ALA B 67 6.24 43.76 -5.47
CA ALA B 67 6.39 45.15 -5.03
C ALA B 67 5.92 45.30 -3.59
N LEU B 68 4.88 44.53 -3.20
CA LEU B 68 4.31 44.62 -1.88
C LEU B 68 5.29 44.09 -0.84
N LYS B 69 5.99 42.98 -1.16
CA LYS B 69 6.94 42.36 -0.27
C LYS B 69 8.17 43.26 -0.10
N ASN B 70 8.56 43.95 -1.20
CA ASN B 70 9.72 44.83 -1.17
C ASN B 70 9.38 46.12 -0.42
N GLY B 71 8.08 46.41 -0.30
CA GLY B 71 7.62 47.54 0.49
C GLY B 71 7.61 48.83 -0.33
N GLU B 72 7.00 48.76 -1.52
CA GLU B 72 6.83 49.94 -2.37
C GLU B 72 5.66 50.76 -1.81
N THR B 73 5.65 52.06 -2.14
CA THR B 73 4.59 52.95 -1.70
C THR B 73 3.27 52.51 -2.33
N ALA B 74 2.15 52.83 -1.65
CA ALA B 74 0.83 52.46 -2.10
C ALA B 74 0.49 53.15 -3.42
N GLU B 75 1.15 54.29 -3.67
CA GLU B 75 1.00 55.02 -4.93
C GLU B 75 1.29 54.09 -6.11
N GLN B 76 2.43 53.39 -6.04
CA GLN B 76 2.85 52.49 -7.10
C GLN B 76 1.93 51.26 -7.15
N LEU B 77 1.61 50.71 -5.98
CA LEU B 77 0.77 49.53 -5.89
C LEU B 77 -0.59 49.80 -6.53
N GLN B 78 -1.21 50.94 -6.17
CA GLN B 78 -2.53 51.30 -6.67
C GLN B 78 -2.46 51.58 -8.17
N LYS B 79 -1.35 52.15 -8.63
CA LYS B 79 -1.17 52.45 -10.05
C LYS B 79 -1.16 51.15 -10.86
N MET B 80 -0.53 50.12 -10.30
CA MET B 80 -0.46 48.81 -10.94
C MET B 80 -1.81 48.11 -10.87
N MET B 81 -2.49 48.26 -9.71
CA MET B 81 -3.71 47.54 -9.43
C MET B 81 -4.87 48.08 -10.27
N THR B 82 -4.87 49.38 -10.55
CA THR B 82 -5.92 49.98 -11.37
C THR B 82 -5.81 49.48 -12.81
N GLU B 83 -4.61 49.03 -13.20
CA GLU B 83 -4.41 48.41 -14.50
C GLU B 83 -5.02 47.01 -14.51
N PHE B 84 -4.92 46.32 -13.36
CA PHE B 84 -5.56 45.02 -13.17
C PHE B 84 -7.07 45.16 -13.24
N TYR B 85 -7.62 46.17 -12.54
CA TYR B 85 -9.06 46.35 -12.43
C TYR B 85 -9.66 46.82 -13.75
N ARG B 86 -8.83 47.36 -14.65
CA ARG B 86 -9.27 47.74 -15.97
C ARG B 86 -9.58 46.49 -16.79
N LEU B 87 -8.71 45.47 -16.64
CA LEU B 87 -8.87 44.20 -17.32
C LEU B 87 -9.98 43.38 -16.67
N ILE B 88 -10.05 43.43 -15.34
CA ILE B 88 -11.01 42.65 -14.56
C ILE B 88 -11.81 43.61 -13.67
N PRO B 89 -12.88 44.27 -14.20
CA PRO B 89 -13.66 45.21 -13.40
C PRO B 89 -14.43 44.57 -12.25
N HIS B 90 -14.56 45.31 -11.14
CA HIS B 90 -15.25 44.84 -9.95
C HIS B 90 -16.38 45.80 -9.57
N LYS B 91 -17.43 45.24 -8.95
CA LYS B 91 -18.45 46.01 -8.26
C LYS B 91 -18.00 46.31 -6.84
N GLY B 92 -18.68 47.28 -6.21
CA GLY B 92 -18.45 47.60 -4.81
C GLY B 92 -17.22 48.47 -4.62
N THR B 93 -16.49 48.21 -3.53
CA THR B 93 -15.31 48.98 -3.16
C THR B 93 -14.09 48.49 -3.91
N MET B 94 -13.03 49.33 -3.91
CA MET B 94 -11.73 49.02 -4.56
C MET B 94 -10.70 49.05 -3.43
N PRO B 95 -10.44 47.93 -2.73
CA PRO B 95 -9.62 47.91 -1.52
C PRO B 95 -8.37 48.78 -1.59
N LYS B 96 -8.33 49.82 -0.73
CA LYS B 96 -7.22 50.75 -0.67
C LYS B 96 -5.98 50.04 -0.13
N GLU B 97 -6.16 49.26 0.94
CA GLU B 97 -5.07 48.56 1.58
C GLU B 97 -4.93 47.19 0.92
N VAL B 98 -3.99 47.09 -0.04
CA VAL B 98 -3.77 45.89 -0.81
C VAL B 98 -2.82 44.97 -0.02
N ASN B 99 -3.42 44.04 0.74
CA ASN B 99 -2.67 43.05 1.50
C ASN B 99 -2.40 41.85 0.61
N LEU B 100 -1.60 40.90 1.13
CA LEU B 100 -1.22 39.71 0.40
C LEU B 100 -2.43 38.79 0.24
N GLY B 101 -3.35 38.83 1.21
CA GLY B 101 -4.56 38.01 1.19
C GLY B 101 -5.46 38.34 0.01
N LEU B 102 -5.55 39.62 -0.36
CA LEU B 102 -6.33 40.06 -1.50
C LEU B 102 -5.77 39.44 -2.79
N LEU B 103 -4.45 39.54 -2.97
CA LEU B 103 -3.79 39.12 -4.19
C LEU B 103 -4.04 37.63 -4.44
N ALA B 104 -4.07 36.83 -3.37
CA ALA B 104 -4.32 35.40 -3.47
C ALA B 104 -5.73 35.14 -3.97
N LYS B 105 -6.69 35.95 -3.50
CA LYS B 105 -8.09 35.81 -3.87
C LYS B 105 -8.31 36.31 -5.29
N LYS B 106 -7.58 37.37 -5.68
CA LYS B 106 -7.63 37.89 -7.04
C LYS B 106 -7.07 36.85 -8.01
N ALA B 107 -6.05 36.12 -7.57
CA ALA B 107 -5.44 35.07 -8.38
C ALA B 107 -6.42 33.91 -8.55
N ASP B 108 -7.15 33.59 -7.48
CA ASP B 108 -8.19 32.57 -7.52
C ASP B 108 -9.28 33.00 -8.49
N LEU B 109 -9.71 34.27 -8.37
CA LEU B 109 -10.77 34.83 -9.19
C LEU B 109 -10.42 34.70 -10.68
N CYS B 110 -9.16 35.00 -11.02
CA CYS B 110 -8.69 34.92 -12.39
C CYS B 110 -8.89 33.53 -12.96
N GLN B 111 -8.66 32.50 -12.13
CA GLN B 111 -8.79 31.12 -12.56
C GLN B 111 -10.26 30.77 -12.78
N LEU B 112 -11.14 31.31 -11.93
CA LEU B 112 -12.58 31.06 -12.03
CA LEU B 112 -12.57 31.06 -12.04
C LEU B 112 -13.12 31.72 -13.30
N ILE B 113 -12.51 32.84 -13.70
CA ILE B 113 -12.87 33.52 -14.94
C ILE B 113 -12.44 32.64 -16.12
N ARG B 114 -11.23 32.07 -16.02
CA ARG B 114 -10.68 31.24 -17.07
C ARG B 114 -11.59 30.03 -17.34
N ASP B 115 -12.16 29.46 -16.27
CA ASP B 115 -13.07 28.34 -16.37
C ASP B 115 -14.28 28.70 -17.20
N MET B 116 -14.90 29.85 -16.89
CA MET B 116 -16.14 30.27 -17.49
C MET B 116 -15.94 30.66 -18.96
N VAL B 117 -14.74 31.15 -19.29
CA VAL B 117 -14.44 31.59 -20.64
C VAL B 117 -14.17 30.37 -21.52
N ASN B 118 -13.43 29.39 -20.99
CA ASN B 118 -13.08 28.20 -21.74
C ASN B 118 -14.34 27.40 -22.11
N VAL B 119 -15.27 27.28 -21.18
CA VAL B 119 -16.41 26.39 -21.32
C VAL B 119 -17.32 26.89 -22.45
N CYS B 120 -17.41 28.22 -22.62
CA CYS B 120 -18.27 28.82 -23.61
C CYS B 120 -17.79 28.48 -25.03
N PRO B 129 -24.23 20.25 -27.22
CA PRO B 129 -25.14 21.04 -26.37
C PRO B 129 -24.37 21.82 -25.30
N PRO B 130 -25.01 22.77 -24.60
CA PRO B 130 -24.34 23.52 -23.53
C PRO B 130 -24.12 22.70 -22.25
N SER B 131 -24.78 21.54 -22.14
CA SER B 131 -24.65 20.67 -20.98
C SER B 131 -23.42 19.77 -21.11
N LEU B 132 -23.21 19.22 -22.30
CA LEU B 132 -22.09 18.31 -22.56
C LEU B 132 -20.77 19.09 -22.60
N ALA B 133 -20.83 20.35 -23.05
CA ALA B 133 -19.66 21.21 -23.10
C ALA B 133 -19.11 21.44 -21.70
N LYS B 134 -20.02 21.52 -20.72
CA LYS B 134 -19.67 21.77 -19.34
C LYS B 134 -19.16 20.50 -18.66
N TYR B 135 -19.68 19.34 -19.09
CA TYR B 135 -19.26 18.06 -18.54
C TYR B 135 -17.82 17.73 -18.95
N ARG B 136 -17.56 17.83 -20.27
CA ARG B 136 -16.25 17.54 -20.82
C ARG B 136 -15.19 18.50 -20.25
N ALA B 137 -15.60 19.74 -19.96
CA ALA B 137 -14.70 20.77 -19.47
C ALA B 137 -14.13 20.41 -18.10
N LEU B 138 -14.88 19.63 -17.31
CA LEU B 138 -14.44 19.22 -15.98
C LEU B 138 -13.30 18.22 -16.09
N ARG B 139 -13.22 17.47 -17.20
CA ARG B 139 -12.27 16.38 -17.35
C ARG B 139 -12.36 15.51 -16.11
N CYS B 140 -13.57 14.98 -15.88
CA CYS B 140 -13.91 14.27 -14.67
C CYS B 140 -15.17 13.45 -14.92
N LYS B 141 -15.16 12.17 -14.53
CA LYS B 141 -16.21 11.24 -14.90
C LYS B 141 -17.16 11.05 -13.73
N ILE B 142 -18.27 11.81 -13.75
CA ILE B 142 -19.32 11.69 -12.75
C ILE B 142 -20.33 10.66 -13.25
N GLU B 143 -20.79 9.80 -12.33
CA GLU B 143 -21.77 8.77 -12.63
C GLU B 143 -22.76 8.67 -11.47
N HIS B 144 -24.06 8.73 -11.80
CA HIS B 144 -25.11 8.65 -10.80
C HIS B 144 -25.27 7.20 -10.33
N VAL B 145 -25.42 7.02 -9.02
CA VAL B 145 -25.68 5.71 -8.43
C VAL B 145 -27.12 5.68 -7.95
N GLU B 146 -27.87 4.66 -8.41
CA GLU B 146 -29.31 4.57 -8.18
C GLU B 146 -29.57 4.30 -6.70
N GLN B 147 -30.74 4.71 -6.23
CA GLN B 147 -31.15 4.52 -4.84
C GLN B 147 -31.52 3.05 -4.60
N ASN B 148 -31.88 2.34 -5.68
CA ASN B 148 -32.22 0.92 -5.60
C ASN B 148 -31.00 0.09 -5.22
N THR B 149 -29.84 0.45 -5.78
CA THR B 149 -28.63 -0.36 -5.66
C THR B 149 -28.16 -0.40 -4.21
N GLU B 150 -27.36 -1.44 -3.90
CA GLU B 150 -26.85 -1.66 -2.56
C GLU B 150 -25.59 -0.83 -2.33
N GLU B 151 -25.08 -0.21 -3.39
CA GLU B 151 -23.96 0.70 -3.30
C GLU B 151 -24.39 2.00 -2.61
N PHE B 152 -25.65 2.40 -2.83
CA PHE B 152 -26.19 3.63 -2.27
C PHE B 152 -26.40 3.47 -0.76
N LEU B 153 -26.94 2.32 -0.35
CA LEU B 153 -27.18 2.04 1.06
C LEU B 153 -25.84 1.92 1.79
N ARG B 154 -24.84 1.35 1.12
CA ARG B 154 -23.51 1.18 1.69
C ARG B 154 -22.89 2.53 1.99
N VAL B 155 -22.89 3.41 0.97
CA VAL B 155 -22.25 4.72 1.06
C VAL B 155 -23.03 5.60 2.04
N ARG B 156 -24.37 5.47 2.04
CA ARG B 156 -25.22 6.18 2.97
C ARG B 156 -24.76 5.92 4.40
N LYS B 157 -24.59 4.64 4.74
CA LYS B 157 -24.21 4.24 6.10
C LYS B 157 -22.79 4.71 6.40
N GLU B 158 -21.89 4.61 5.40
CA GLU B 158 -20.52 5.04 5.58
C GLU B 158 -20.48 6.52 5.97
N VAL B 159 -21.34 7.32 5.34
CA VAL B 159 -21.43 8.74 5.64
C VAL B 159 -22.10 8.93 7.01
N LEU B 160 -23.21 8.21 7.23
CA LEU B 160 -23.98 8.33 8.46
C LEU B 160 -23.52 7.27 9.46
N GLN B 161 -22.34 7.49 10.06
CA GLN B 161 -21.83 6.65 11.13
C GLN B 161 -21.25 7.54 12.23
N ASN B 162 -20.10 8.18 11.93
CA ASN B 162 -19.51 9.14 12.84
C ASN B 162 -20.26 10.46 12.71
N HIS B 163 -21.37 10.57 13.44
CA HIS B 163 -22.20 11.76 13.44
C HIS B 163 -22.41 12.19 14.90
N HIS B 164 -21.47 13.01 15.41
CA HIS B 164 -21.47 13.43 16.80
C HIS B 164 -22.74 14.25 17.07
N SER B 165 -22.98 15.24 16.21
CA SER B 165 -24.24 15.97 16.21
C SER B 165 -25.36 15.05 15.74
N LYS B 166 -26.59 15.36 16.15
CA LYS B 166 -27.74 14.54 15.81
C LYS B 166 -28.71 15.37 14.96
N SER B 167 -28.15 16.16 14.03
CA SER B 167 -28.93 16.93 13.09
C SER B 167 -29.30 16.04 11.91
N PRO B 168 -30.61 15.85 11.60
CA PRO B 168 -31.03 15.04 10.46
C PRO B 168 -30.33 15.42 9.16
N VAL B 169 -30.01 14.42 8.33
CA VAL B 169 -29.25 14.62 7.11
C VAL B 169 -30.03 14.01 5.94
N ASP B 170 -30.48 14.88 5.02
CA ASP B 170 -31.24 14.46 3.85
C ASP B 170 -30.27 14.20 2.70
N VAL B 171 -29.78 12.96 2.60
CA VAL B 171 -28.89 12.56 1.52
C VAL B 171 -29.71 12.37 0.26
N LEU B 172 -29.71 13.39 -0.61
CA LEU B 172 -30.53 13.39 -1.81
C LEU B 172 -29.88 12.51 -2.88
N GLN B 173 -28.68 12.90 -3.31
CA GLN B 173 -28.00 12.25 -4.43
C GLN B 173 -26.59 11.84 -4.01
N ILE B 174 -26.14 10.72 -4.60
CA ILE B 174 -24.75 10.29 -4.50
C ILE B 174 -24.25 10.07 -5.93
N PHE B 175 -23.01 10.53 -6.21
CA PHE B 175 -22.41 10.36 -7.51
C PHE B 175 -21.02 9.76 -7.37
N ARG B 176 -20.76 8.71 -8.15
CA ARG B 176 -19.42 8.14 -8.28
C ARG B 176 -18.59 9.06 -9.16
N VAL B 177 -17.45 9.53 -8.64
CA VAL B 177 -16.61 10.48 -9.34
C VAL B 177 -15.20 9.90 -9.48
N GLY B 178 -14.46 10.34 -10.50
CA GLY B 178 -13.11 9.87 -10.72
C GLY B 178 -12.47 10.92 -11.64
N ARG B 179 -11.18 11.17 -11.43
CA ARG B 179 -10.37 11.97 -12.34
C ARG B 179 -9.37 10.91 -12.80
N VAL B 180 -8.89 11.07 -14.05
CA VAL B 180 -8.14 10.02 -14.74
C VAL B 180 -6.73 9.93 -14.18
N ASN B 181 -6.00 11.05 -14.21
CA ASN B 181 -4.60 11.09 -13.78
C ASN B 181 -4.49 11.00 -12.27
N GLU B 182 -5.59 11.30 -11.56
CA GLU B 182 -5.62 11.31 -10.11
C GLU B 182 -5.49 9.88 -9.57
N THR B 183 -6.03 8.90 -10.31
CA THR B 183 -6.08 7.52 -9.87
C THR B 183 -4.70 6.86 -10.02
N THR B 184 -4.03 7.10 -11.15
CA THR B 184 -2.79 6.42 -11.49
C THR B 184 -1.64 6.95 -10.64
N GLU B 185 -1.71 8.22 -10.22
CA GLU B 185 -0.62 8.87 -9.51
C GLU B 185 -0.81 8.77 -8.00
N PHE B 186 -1.96 8.24 -7.57
CA PHE B 186 -2.27 8.08 -6.15
C PHE B 186 -1.23 7.18 -5.49
N LEU B 187 -0.78 7.58 -4.28
CA LEU B 187 0.26 6.86 -3.56
C LEU B 187 -0.37 5.79 -2.68
N SER B 188 -0.89 4.73 -3.32
CA SER B 188 -1.48 3.61 -2.60
C SER B 188 -0.39 2.76 -1.95
N LYS B 189 0.79 2.72 -2.59
CA LYS B 189 1.94 1.99 -2.07
C LYS B 189 2.24 2.42 -0.64
N LEU B 190 2.22 3.74 -0.41
CA LEU B 190 2.19 4.28 0.94
C LEU B 190 0.88 3.84 1.60
N GLY B 191 0.99 3.01 2.64
CA GLY B 191 -0.16 2.30 3.18
C GLY B 191 -1.10 3.21 3.98
N ASN B 192 -2.00 2.57 4.72
CA ASN B 192 -2.93 3.25 5.61
C ASN B 192 -3.81 4.20 4.79
N VAL B 193 -4.50 3.63 3.80
CA VAL B 193 -5.48 4.36 3.01
C VAL B 193 -6.87 4.11 3.61
N ARG B 194 -7.54 5.21 3.97
CA ARG B 194 -8.89 5.12 4.54
C ARG B 194 -9.77 6.22 3.95
N PRO B 195 -11.08 5.94 3.71
CA PRO B 195 -11.97 6.93 3.12
C PRO B 195 -12.42 7.99 4.12
N LEU B 196 -12.12 9.26 3.82
CA LEU B 196 -12.45 10.39 4.67
C LEU B 196 -13.34 11.37 3.90
N LEU B 197 -13.91 12.33 4.63
CA LEU B 197 -14.88 13.27 4.07
C LEU B 197 -14.23 14.64 3.93
N HIS B 198 -14.64 15.39 2.89
CA HIS B 198 -14.16 16.75 2.67
C HIS B 198 -15.35 17.64 2.28
N GLY B 199 -15.78 18.49 3.22
CA GLY B 199 -16.81 19.47 2.95
C GLY B 199 -16.24 20.70 2.23
N SER B 200 -17.07 21.33 1.38
CA SER B 200 -16.66 22.49 0.62
C SER B 200 -17.89 23.21 0.08
N PRO B 201 -17.90 24.56 0.01
CA PRO B 201 -19.00 25.28 -0.63
C PRO B 201 -19.16 24.88 -2.09
N VAL B 202 -20.39 25.04 -2.61
CA VAL B 202 -20.79 24.48 -3.89
C VAL B 202 -20.06 25.19 -5.03
N GLN B 203 -19.65 26.45 -4.80
CA GLN B 203 -19.01 27.27 -5.82
C GLN B 203 -17.59 26.78 -6.10
N ASN B 204 -17.02 25.96 -5.20
CA ASN B 204 -15.66 25.46 -5.35
C ASN B 204 -15.62 24.19 -6.20
N ILE B 205 -16.79 23.57 -6.45
CA ILE B 205 -16.84 22.19 -6.89
C ILE B 205 -16.30 22.05 -8.31
N VAL B 206 -16.61 23.01 -9.20
CA VAL B 206 -16.10 22.96 -10.57
C VAL B 206 -14.58 22.97 -10.54
N GLY B 207 -14.00 23.79 -9.64
CA GLY B 207 -12.57 23.90 -9.51
C GLY B 207 -11.93 22.65 -8.91
N ILE B 208 -12.66 22.00 -7.99
CA ILE B 208 -12.19 20.78 -7.35
C ILE B 208 -12.23 19.63 -8.37
N LEU B 209 -13.29 19.56 -9.17
CA LEU B 209 -13.44 18.50 -10.15
C LEU B 209 -12.47 18.70 -11.32
N CYS B 210 -12.13 19.96 -11.60
CA CYS B 210 -11.24 20.29 -12.71
C CYS B 210 -9.79 19.93 -12.38
N ARG B 211 -9.36 20.22 -11.15
CA ARG B 211 -7.94 20.18 -10.79
C ARG B 211 -7.70 19.35 -9.52
N GLY B 212 -8.73 18.63 -9.05
CA GLY B 212 -8.63 17.93 -7.77
C GLY B 212 -8.51 18.90 -6.61
N LEU B 213 -8.29 18.36 -5.40
CA LEU B 213 -8.03 19.17 -4.22
C LEU B 213 -6.59 19.69 -4.28
N LEU B 214 -6.43 21.02 -4.17
CA LEU B 214 -5.14 21.66 -4.29
C LEU B 214 -4.62 22.07 -2.91
N LEU B 215 -3.31 22.33 -2.83
CA LEU B 215 -2.67 22.79 -1.61
C LEU B 215 -2.98 24.27 -1.41
N PRO B 216 -3.36 24.70 -0.19
CA PRO B 216 -3.59 26.12 0.10
C PRO B 216 -2.34 26.97 -0.12
N LYS B 217 -2.56 28.25 -0.44
CA LYS B 217 -1.49 29.21 -0.61
C LYS B 217 -1.07 29.77 0.76
N VAL B 229 -9.28 28.61 8.69
CA VAL B 229 -8.35 28.95 9.82
C VAL B 229 -6.97 28.36 9.54
N GLY B 230 -6.93 27.12 9.04
CA GLY B 230 -5.68 26.46 8.67
C GLY B 230 -4.77 26.24 9.88
N ASN B 231 -5.27 25.49 10.87
CA ASN B 231 -4.62 25.37 12.17
C ASN B 231 -3.71 24.13 12.20
N LEU B 232 -3.56 23.45 11.06
CA LEU B 232 -2.51 22.46 10.86
C LEU B 232 -1.71 22.82 9.61
N GLY B 233 -1.65 24.11 9.29
CA GLY B 233 -0.84 24.61 8.20
C GLY B 233 -1.51 24.44 6.84
N SER B 234 -0.73 24.65 5.78
CA SER B 234 -1.23 24.67 4.42
C SER B 234 -1.22 23.26 3.83
N GLY B 235 -2.26 22.48 4.17
CA GLY B 235 -2.45 21.14 3.64
C GLY B 235 -3.91 20.90 3.28
N ILE B 236 -4.22 19.67 2.88
CA ILE B 236 -5.58 19.27 2.51
C ILE B 236 -6.20 18.55 3.71
N TYR B 237 -7.33 19.08 4.20
CA TYR B 237 -7.95 18.61 5.44
C TYR B 237 -9.09 17.64 5.13
N PHE B 238 -9.28 16.66 6.02
CA PHE B 238 -10.38 15.73 5.95
C PHE B 238 -10.87 15.42 7.36
N SER B 239 -11.94 14.62 7.46
CA SER B 239 -12.46 14.20 8.75
C SER B 239 -13.20 12.86 8.62
N ASP B 240 -13.15 12.08 9.69
CA ASP B 240 -13.88 10.82 9.78
C ASP B 240 -15.34 11.10 10.10
N SER B 241 -15.59 12.24 10.78
CA SER B 241 -16.92 12.61 11.23
C SER B 241 -17.64 13.44 10.16
N LEU B 242 -18.95 13.21 10.03
CA LEU B 242 -19.77 13.97 9.10
C LEU B 242 -20.14 15.32 9.70
N SER B 243 -20.45 15.33 11.00
CA SER B 243 -20.86 16.54 11.70
C SER B 243 -19.85 17.66 11.52
N THR B 244 -18.57 17.29 11.38
CA THR B 244 -17.48 18.24 11.27
C THR B 244 -17.36 18.75 9.83
N SER B 245 -17.67 17.88 8.86
CA SER B 245 -17.55 18.21 7.45
C SER B 245 -18.75 19.03 6.96
N ILE B 246 -19.85 19.01 7.73
CA ILE B 246 -21.03 19.81 7.42
C ILE B 246 -20.71 21.29 7.63
N LYS B 247 -19.84 21.58 8.61
CA LYS B 247 -19.50 22.94 8.99
C LYS B 247 -18.81 23.66 7.82
N TYR B 248 -18.05 22.91 7.01
CA TYR B 248 -17.28 23.46 5.91
C TYR B 248 -18.06 23.37 4.60
N SER B 249 -19.00 22.43 4.51
CA SER B 249 -19.84 22.26 3.33
C SER B 249 -21.03 23.20 3.39
N HIS B 250 -20.83 24.44 2.91
CA HIS B 250 -21.84 25.48 2.99
C HIS B 250 -22.93 25.26 1.94
N PRO B 251 -24.18 25.69 2.19
CA PRO B 251 -25.26 25.58 1.20
C PRO B 251 -25.08 26.53 0.02
N GLY B 252 -25.42 26.05 -1.19
CA GLY B 252 -25.32 26.86 -2.39
C GLY B 252 -26.50 27.82 -2.52
N GLU B 253 -26.24 28.98 -3.13
CA GLU B 253 -27.27 30.00 -3.30
C GLU B 253 -28.21 29.62 -4.44
N THR B 254 -27.72 28.81 -5.38
CA THR B 254 -28.50 28.41 -6.54
C THR B 254 -29.60 27.44 -6.14
N ASP B 255 -29.20 26.31 -5.56
CA ASP B 255 -30.10 25.19 -5.29
C ASP B 255 -30.55 25.23 -3.83
N GLY B 256 -29.62 25.51 -2.91
CA GLY B 256 -29.89 25.43 -1.49
C GLY B 256 -29.46 24.10 -0.89
N THR B 257 -28.56 23.39 -1.60
CA THR B 257 -28.11 22.07 -1.19
C THR B 257 -26.62 22.12 -0.86
N ARG B 258 -26.14 21.09 -0.16
CA ARG B 258 -24.76 20.98 0.25
C ARG B 258 -24.08 19.87 -0.56
N LEU B 259 -22.79 20.07 -0.89
CA LEU B 259 -21.99 19.07 -1.57
C LEU B 259 -20.79 18.70 -0.71
N LEU B 260 -20.39 17.43 -0.76
CA LEU B 260 -19.35 16.88 0.10
C LEU B 260 -18.66 15.72 -0.62
N LEU B 261 -17.34 15.64 -0.47
CA LEU B 261 -16.53 14.66 -1.18
C LEU B 261 -16.13 13.52 -0.22
N ILE B 262 -16.13 12.29 -0.75
CA ILE B 262 -15.52 11.16 -0.07
C ILE B 262 -14.26 10.79 -0.85
N CYS B 263 -13.10 10.89 -0.17
CA CYS B 263 -11.81 10.66 -0.81
C CYS B 263 -11.05 9.56 -0.07
N ASP B 264 -10.37 8.70 -0.84
CA ASP B 264 -9.36 7.81 -0.29
C ASP B 264 -8.10 8.63 -0.03
N VAL B 265 -7.70 8.72 1.24
CA VAL B 265 -6.56 9.51 1.66
C VAL B 265 -5.46 8.56 2.14
N ALA B 266 -4.39 8.46 1.35
CA ALA B 266 -3.22 7.65 1.70
C ALA B 266 -2.31 8.46 2.62
N LEU B 267 -2.39 8.19 3.93
CA LEU B 267 -1.74 9.03 4.93
C LEU B 267 -0.74 8.23 5.77
N GLY B 268 -0.40 7.02 5.33
CA GLY B 268 0.68 6.22 5.91
C GLY B 268 0.85 6.48 7.40
N LYS B 269 2.08 6.84 7.80
CA LYS B 269 2.40 7.21 9.17
C LYS B 269 1.72 8.51 9.56
N CYS B 270 0.83 8.44 10.55
CA CYS B 270 -0.02 9.56 10.92
C CYS B 270 0.29 9.99 12.36
N MET B 271 0.89 11.18 12.51
CA MET B 271 1.30 11.69 13.81
C MET B 271 0.10 12.38 14.46
N ASP B 272 -0.26 11.89 15.67
CA ASP B 272 -1.32 12.49 16.46
C ASP B 272 -0.80 13.75 17.13
N LEU B 273 -1.50 14.88 16.95
CA LEU B 273 -1.11 16.16 17.53
C LEU B 273 -2.19 16.63 18.50
N HIS B 274 -1.76 17.39 19.52
CA HIS B 274 -2.66 18.00 20.48
C HIS B 274 -2.64 19.52 20.31
N GLU B 275 -1.44 20.09 20.16
CA GLU B 275 -1.26 21.52 19.98
C GLU B 275 -1.45 21.88 18.50
N LYS B 276 -1.76 23.15 18.24
CA LYS B 276 -1.90 23.67 16.90
C LYS B 276 -0.52 23.93 16.29
N ASP B 277 -0.48 24.10 14.96
CA ASP B 277 0.75 24.36 14.25
C ASP B 277 0.40 24.92 12.87
N PHE B 278 0.50 26.26 12.73
CA PHE B 278 0.05 26.95 11.54
C PHE B 278 1.14 27.01 10.47
N SER B 279 2.38 26.61 10.84
CA SER B 279 3.53 26.80 9.99
C SER B 279 3.90 25.52 9.23
N LEU B 280 2.99 24.52 9.22
CA LEU B 280 3.24 23.26 8.55
C LEU B 280 2.99 23.41 7.05
N THR B 281 4.07 23.39 6.27
CA THR B 281 3.99 23.37 4.82
C THR B 281 3.91 21.92 4.33
N GLU B 282 4.56 21.01 5.08
CA GLU B 282 4.53 19.59 4.78
C GLU B 282 4.44 18.81 6.09
N ALA B 283 4.34 17.49 5.99
CA ALA B 283 4.17 16.62 7.15
C ALA B 283 5.41 16.66 8.03
N PRO B 284 5.29 16.39 9.36
CA PRO B 284 6.44 16.38 10.26
C PRO B 284 7.51 15.37 9.84
N PRO B 285 8.79 15.58 10.23
CA PRO B 285 9.87 14.66 9.88
C PRO B 285 9.68 13.30 10.55
N GLY B 286 9.49 12.27 9.72
CA GLY B 286 9.28 10.92 10.19
C GLY B 286 7.89 10.38 9.82
N TYR B 287 6.95 11.30 9.57
CA TYR B 287 5.55 10.94 9.35
C TYR B 287 5.08 11.46 8.00
N ASP B 288 3.97 10.87 7.51
CA ASP B 288 3.45 11.14 6.18
C ASP B 288 2.22 12.06 6.26
N SER B 289 1.63 12.16 7.45
CA SER B 289 0.39 12.90 7.64
C SER B 289 0.25 13.34 9.09
N VAL B 290 -0.83 14.07 9.38
CA VAL B 290 -1.09 14.62 10.71
C VAL B 290 -2.53 14.31 11.09
N HIS B 291 -2.75 14.02 12.38
CA HIS B 291 -4.08 13.86 12.95
C HIS B 291 -4.24 14.79 14.14
N GLY B 292 -5.15 15.76 14.01
CA GLY B 292 -5.55 16.62 15.11
C GLY B 292 -6.57 15.92 16.00
N VAL B 293 -6.13 15.45 17.18
CA VAL B 293 -6.98 14.69 18.08
C VAL B 293 -7.98 15.65 18.72
N SER B 294 -9.25 15.21 18.79
CA SER B 294 -10.34 16.04 19.29
C SER B 294 -10.33 16.09 20.81
N GLN B 295 -11.00 17.12 21.36
CA GLN B 295 -11.18 17.26 22.79
C GLN B 295 -12.02 16.10 23.31
N THR B 296 -11.56 15.46 24.39
CA THR B 296 -12.24 14.32 24.97
C THR B 296 -12.51 14.60 26.45
N ALA B 297 -12.67 13.53 27.24
CA ALA B 297 -13.00 13.65 28.66
C ALA B 297 -11.78 14.11 29.45
N SER B 298 -10.68 13.36 29.34
CA SER B 298 -9.47 13.63 30.12
C SER B 298 -8.25 13.72 29.21
N VAL B 299 -8.45 14.21 27.97
CA VAL B 299 -7.37 14.51 27.06
C VAL B 299 -7.72 15.80 26.31
N THR B 300 -7.32 16.94 26.89
CA THR B 300 -7.60 18.25 26.30
C THR B 300 -6.67 18.48 25.11
N THR B 301 -7.23 19.08 24.06
CA THR B 301 -6.50 19.42 22.84
C THR B 301 -6.97 20.78 22.34
N ASP B 302 -6.26 21.31 21.34
CA ASP B 302 -6.61 22.58 20.72
C ASP B 302 -7.61 22.33 19.58
N PHE B 303 -7.82 21.06 19.22
CA PHE B 303 -8.73 20.69 18.15
C PHE B 303 -10.08 20.28 18.73
N GLU B 304 -11.14 20.96 18.29
CA GLU B 304 -12.50 20.65 18.72
C GLU B 304 -12.97 19.37 18.04
N ASP B 305 -12.57 19.19 16.77
CA ASP B 305 -12.98 18.04 15.96
C ASP B 305 -11.74 17.37 15.37
N ASP B 306 -11.94 16.13 14.91
CA ASP B 306 -10.88 15.31 14.36
C ASP B 306 -10.53 15.79 12.95
N GLU B 307 -9.30 16.30 12.78
CA GLU B 307 -8.80 16.71 11.48
C GLU B 307 -7.74 15.72 11.02
N PHE B 308 -7.79 15.38 9.72
CA PHE B 308 -6.77 14.58 9.07
C PHE B 308 -6.18 15.39 7.91
N VAL B 309 -4.87 15.61 7.92
CA VAL B 309 -4.23 16.52 6.98
C VAL B 309 -3.10 15.80 6.25
N VAL B 310 -3.12 15.91 4.91
CA VAL B 310 -1.99 15.52 4.07
C VAL B 310 -1.50 16.77 3.36
N TYR B 311 -0.24 16.75 2.92
CA TYR B 311 0.40 17.91 2.29
C TYR B 311 0.92 17.54 0.90
N LYS B 312 0.24 16.59 0.26
CA LYS B 312 0.53 16.16 -1.10
C LYS B 312 -0.79 15.92 -1.81
N THR B 313 -0.91 16.41 -3.05
CA THR B 313 -2.13 16.25 -3.82
C THR B 313 -2.32 14.79 -4.21
N ASN B 314 -1.20 14.06 -4.34
CA ASN B 314 -1.22 12.68 -4.80
C ASN B 314 -1.37 11.72 -3.63
N GLN B 315 -1.68 12.25 -2.44
CA GLN B 315 -2.13 11.43 -1.31
C GLN B 315 -3.66 11.46 -1.23
N VAL B 316 -4.32 11.98 -2.27
CA VAL B 316 -5.76 12.16 -2.28
C VAL B 316 -6.33 11.61 -3.59
N LYS B 317 -7.54 11.06 -3.50
CA LYS B 317 -8.23 10.44 -4.63
C LYS B 317 -9.72 10.40 -4.31
N MET B 318 -10.48 11.30 -4.94
CA MET B 318 -11.89 11.48 -4.61
C MET B 318 -12.72 10.38 -5.28
N LYS B 319 -13.66 9.82 -4.51
CA LYS B 319 -14.42 8.65 -4.91
C LYS B 319 -15.88 9.01 -5.19
N TYR B 320 -16.48 9.82 -4.29
CA TYR B 320 -17.90 10.14 -4.38
C TYR B 320 -18.13 11.64 -4.14
N ILE B 321 -19.24 12.12 -4.69
CA ILE B 321 -19.81 13.42 -4.34
C ILE B 321 -21.17 13.17 -3.71
N ILE B 322 -21.41 13.74 -2.53
CA ILE B 322 -22.65 13.54 -1.80
C ILE B 322 -23.43 14.86 -1.80
N LYS B 323 -24.65 14.82 -2.35
CA LYS B 323 -25.55 15.96 -2.33
C LYS B 323 -26.55 15.77 -1.18
N PHE B 324 -26.45 16.65 -0.18
CA PHE B 324 -27.28 16.54 1.02
C PHE B 324 -27.77 17.93 1.43
N SER B 325 -28.59 17.97 2.49
CA SER B 325 -29.14 19.22 2.99
C SER B 325 -29.57 19.06 4.45
N MET B 326 -29.31 20.09 5.25
CA MET B 326 -29.73 20.14 6.65
C MET B 326 -31.18 20.63 6.70
N PRO B 327 -31.89 20.46 7.85
CA PRO B 327 -33.25 21.00 7.98
C PRO B 327 -33.29 22.53 7.89
N GLY B 328 -32.49 23.19 8.73
CA GLY B 328 -32.47 24.64 8.80
C GLY B 328 -31.64 25.26 7.68
C01 UHB C . 16.00 -11.93 11.58
C02 UHB C . 15.54 -11.68 12.85
C03 UHB C . 15.06 -12.71 13.67
C04 UHB C . 15.02 -14.02 13.22
C05 UHB C . 15.50 -14.28 11.93
C06 UHB C . 15.97 -13.24 11.13
C07 UHB C . 16.39 -13.80 9.83
C08 UHB C . 15.60 -15.57 11.17
N09 UHB C . 16.11 -15.12 9.89
O10 UHB C . 16.91 -13.21 8.88
N11 UHB C . 14.56 -15.04 14.09
C12 UHB C . 13.64 -16.00 13.86
O13 UHB C . 13.02 -16.10 12.80
C14 UHB C . 13.39 -16.94 15.02
N15 UHB C . 13.01 -18.30 14.67
C16 UHB C . 13.89 -18.90 13.66
C17 UHB C . 13.50 -20.34 13.38
N18 UHB C . 12.10 -20.39 12.95
C19 UHB C . 11.21 -19.81 13.96
C20 UHB C . 11.61 -18.38 14.23
C21 UHB C . 11.65 -20.86 11.78
C22 UHB C . 12.61 -21.42 10.78
C23 UHB C . 13.44 -20.36 10.06
C24 UHB C . 13.01 -20.41 8.58
C25 UHB C . 12.50 -21.85 8.50
O26 UHB C . 11.88 -22.10 9.75
O27 UHB C . 10.45 -20.82 11.50
O28 UHB C . 14.82 -20.65 10.19
O29 UHB C . 14.07 -20.19 7.68
N30 UHB C . 11.52 -22.09 7.45
C31 UHB C . 10.35 -22.98 5.80
C32 UHB C . 11.44 -23.19 6.62
C33 UHB C . 10.47 -21.28 7.09
N34 UHB C . 9.75 -21.76 6.11
N35 UHB C . 10.85 -25.05 4.80
C36 UHB C . 11.88 -25.13 5.67
N37 UHB C . 12.26 -24.26 6.61
C38 UHB C . 10.05 -23.97 4.85
N39 UHB C . 9.03 -23.89 4.00
C01 UHB D . -12.13 19.09 8.10
C02 UHB D . -11.30 19.80 8.94
C03 UHB D . -10.85 21.08 8.59
C04 UHB D . -11.20 21.67 7.39
C05 UHB D . -12.06 20.95 6.54
C06 UHB D . -12.50 19.69 6.90
C07 UHB D . -13.38 19.17 5.83
C08 UHB D . -12.62 21.31 5.20
N09 UHB D . -13.37 20.12 4.86
O10 UHB D . -13.99 18.11 5.80
N11 UHB D . -10.75 22.96 7.05
C12 UHB D . -9.78 23.32 6.19
O13 UHB D . -9.41 22.62 5.26
C14 UHB D . -9.14 24.67 6.47
N15 UHB D . -9.02 25.53 5.29
C16 UHB D . -10.23 25.50 4.46
C17 UHB D . -10.09 26.41 3.26
N18 UHB D . -8.93 26.01 2.49
C19 UHB D . -7.71 26.10 3.30
C20 UHB D . -7.84 25.18 4.49
C21 UHB D . -8.90 25.56 1.22
C22 UHB D . -10.18 25.51 0.44
C23 UHB D . -11.08 24.33 0.84
C24 UHB D . -11.09 23.39 -0.37
C25 UHB D . -10.82 24.39 -1.49
O26 UHB D . -9.90 25.32 -0.94
O27 UHB D . -7.87 25.20 0.69
O28 UHB D . -12.39 24.78 1.15
O29 UHB D . -12.33 22.74 -0.53
N30 UHB D . -10.23 23.82 -2.70
C31 UHB D . -9.71 23.35 -4.79
C32 UHB D . -10.51 24.16 -4.00
C33 UHB D . -9.30 22.81 -2.77
N34 UHB D . -8.95 22.50 -3.99
N35 UHB D . -10.67 24.45 -6.65
C36 UHB D . -11.37 25.16 -5.77
N37 UHB D . -11.36 25.11 -4.43
C38 UHB D . -9.81 23.50 -6.18
N39 UHB D . -9.11 22.79 -7.06
#